data_4GGD
#
_entry.id   4GGD
#
_cell.length_a   49.826
_cell.length_b   88.129
_cell.length_c   118.351
_cell.angle_alpha   90.000
_cell.angle_beta   99.660
_cell.angle_gamma   90.000
#
_symmetry.space_group_name_H-M   'P 1 21 1'
#
loop_
_entity.id
_entity.type
_entity.pdbx_description
1 polymer 'Cell division cycle protein 20 homolog'
2 polymer 'Mitotic checkpoint serine/threonine-protein kinase BUB1 beta'
3 water water
#
loop_
_entity_poly.entity_id
_entity_poly.type
_entity_poly.pdbx_seq_one_letter_code
_entity_poly.pdbx_strand_id
1 'polypeptide(L)'
;GAPSKPGGDRYIPHRSAAQMEVASFLLSKENQPENSQTPTKKEHQKAWALNLNGFDVEEAKILRLSGKPQNAPEGYQNRL
KVLYSQKATPGSSRKTCRYIPSLPDRILDAPEIRNDYYLNLVDWSSGNVLAVALDNSVYLWSASSGDILQLLQMEQPGEY
ISSVAWIKEGNYLAVGTSSAEVQLWDVQQQKRLRNMTSHSARVGSLSWNSYILSSGSRSGHIHHHDVRVAEHHVATLSGH
SQEVCGLRWAPDGRHLASGGNDNLVNVWPSAPGEGGWVPLQTFTQHQGAVKAVAWCPWQSNVLATGGGTSDRHIRIWNVC
SGACLSAVDAHSQVCSILWSPHYKELISGHGFAQNQLVIWKYPTMAKVAELKGHTSRVLSLTMSPDGATVASAAADETLR
LWRCFELDPARRREREKASAAKSSLIHQGIR
;
A,B
2 'polypeptide(L)' DEWELSKENVQPLRQGRIMSTLQ C,D
#
# COMPACT_ATOMS: atom_id res chain seq x y z
N CYS A 97 -24.56 -5.30 -27.48
CA CYS A 97 -25.04 -4.49 -28.60
C CYS A 97 -25.02 -5.26 -29.93
N ARG A 98 -23.87 -5.85 -30.26
CA ARG A 98 -23.73 -6.71 -31.43
C ARG A 98 -23.99 -8.12 -30.95
N TYR A 99 -23.78 -9.13 -31.79
CA TYR A 99 -24.01 -10.47 -31.28
C TYR A 99 -22.79 -11.01 -30.53
N ILE A 100 -22.97 -11.24 -29.25
CA ILE A 100 -21.99 -11.93 -28.48
C ILE A 100 -22.65 -13.19 -27.90
N PRO A 101 -22.26 -14.37 -28.44
CA PRO A 101 -22.84 -15.65 -28.03
C PRO A 101 -22.81 -15.75 -26.53
N SER A 102 -23.88 -16.28 -25.95
CA SER A 102 -23.95 -16.48 -24.51
C SER A 102 -23.30 -17.83 -24.09
N LEU A 103 -22.82 -18.58 -25.08
CA LEU A 103 -22.17 -19.87 -24.80
C LEU A 103 -20.84 -19.92 -25.48
N PRO A 104 -19.94 -20.74 -24.91
CA PRO A 104 -18.64 -20.97 -25.56
C PRO A 104 -18.76 -21.74 -26.89
N ASP A 105 -17.85 -21.47 -27.82
CA ASP A 105 -17.77 -22.23 -29.04
C ASP A 105 -17.33 -23.65 -28.77
N ARG A 106 -16.23 -23.81 -28.03
CA ARG A 106 -15.65 -25.10 -27.64
C ARG A 106 -15.42 -25.18 -26.11
N ILE A 107 -15.61 -26.34 -25.50
CA ILE A 107 -15.21 -26.54 -24.10
C ILE A 107 -14.20 -27.68 -23.96
N LEU A 108 -12.92 -27.34 -23.90
CA LEU A 108 -11.85 -28.31 -23.62
C LEU A 108 -11.90 -28.79 -22.16
N ASP A 109 -11.41 -30.00 -21.93
CA ASP A 109 -11.41 -30.55 -20.59
C ASP A 109 -10.05 -30.31 -20.01
N ALA A 110 -10.03 -29.99 -18.72
CA ALA A 110 -8.80 -29.64 -18.03
C ALA A 110 -8.75 -30.35 -16.69
N PRO A 111 -8.65 -31.68 -16.73
CA PRO A 111 -8.66 -32.54 -15.53
C PRO A 111 -7.48 -32.23 -14.63
N GLU A 112 -7.71 -32.17 -13.33
CA GLU A 112 -6.67 -31.88 -12.35
C GLU A 112 -6.00 -30.50 -12.47
N ILE A 113 -6.65 -29.54 -13.14
CA ILE A 113 -6.16 -28.19 -13.05
C ILE A 113 -6.10 -27.83 -11.58
N ARG A 114 -5.01 -27.20 -11.19
CA ARG A 114 -4.74 -26.91 -9.80
C ARG A 114 -5.46 -25.62 -9.37
N ASN A 115 -6.37 -25.71 -8.39
CA ASN A 115 -7.27 -24.60 -8.04
C ASN A 115 -6.62 -23.62 -7.09
N ASP A 116 -5.56 -23.00 -7.57
CA ASP A 116 -4.74 -22.14 -6.76
C ASP A 116 -4.73 -20.77 -7.47
N TYR A 117 -5.29 -19.77 -6.82
CA TYR A 117 -5.48 -18.45 -7.41
C TYR A 117 -4.19 -17.84 -7.97
N TYR A 118 -3.07 -18.02 -7.26
CA TYR A 118 -1.82 -17.34 -7.62
C TYR A 118 -1.08 -17.80 -8.88
N LEU A 119 -1.49 -18.91 -9.45
CA LEU A 119 -0.73 -19.49 -10.53
C LEU A 119 -1.23 -18.97 -11.85
N ASN A 120 -0.38 -19.07 -12.86
CA ASN A 120 -0.71 -18.67 -14.21
C ASN A 120 -0.50 -19.86 -15.13
N LEU A 121 -1.57 -20.62 -15.27
CA LEU A 121 -1.51 -21.99 -15.79
C LEU A 121 -1.86 -22.11 -17.26
N VAL A 122 -2.23 -21.02 -17.93
CA VAL A 122 -2.62 -21.11 -19.34
C VAL A 122 -2.04 -20.00 -20.22
N ASP A 123 -1.63 -20.30 -21.44
CA ASP A 123 -1.20 -19.27 -22.37
C ASP A 123 -1.41 -19.69 -23.83
N TRP A 124 -1.78 -18.71 -24.65
CA TRP A 124 -2.08 -18.89 -26.07
C TRP A 124 -1.00 -18.24 -26.96
N SER A 125 -0.33 -19.09 -27.75
CA SER A 125 0.82 -18.71 -28.55
C SER A 125 0.41 -18.00 -29.80
N SER A 126 1.33 -17.19 -30.35
CA SER A 126 1.15 -16.63 -31.69
C SER A 126 0.86 -17.69 -32.76
N GLY A 127 1.30 -18.93 -32.52
CA GLY A 127 1.09 -20.03 -33.45
C GLY A 127 -0.22 -20.75 -33.24
N ASN A 128 -1.09 -20.13 -32.48
CA ASN A 128 -2.39 -20.69 -32.20
C ASN A 128 -2.32 -21.95 -31.36
N VAL A 129 -1.36 -22.04 -30.45
CA VAL A 129 -1.29 -23.19 -29.55
C VAL A 129 -1.52 -22.82 -28.08
N LEU A 130 -2.57 -23.42 -27.49
CA LEU A 130 -2.84 -23.28 -26.07
C LEU A 130 -1.91 -24.19 -25.29
N ALA A 131 -1.18 -23.61 -24.34
CA ALA A 131 -0.45 -24.37 -23.35
C ALA A 131 -1.21 -24.41 -22.01
N VAL A 132 -1.34 -25.59 -21.41
CA VAL A 132 -2.18 -25.77 -20.23
C VAL A 132 -1.46 -26.66 -19.20
N ALA A 133 -1.23 -26.11 -18.02
CA ALA A 133 -0.61 -26.81 -16.91
C ALA A 133 -1.65 -27.50 -16.03
N LEU A 134 -1.68 -28.82 -16.12
CA LEU A 134 -2.56 -29.61 -15.29
C LEU A 134 -1.72 -30.40 -14.29
N ASP A 135 -1.85 -30.02 -13.01
CA ASP A 135 -0.99 -30.54 -11.96
C ASP A 135 0.51 -30.55 -12.32
N ASN A 136 1.03 -31.73 -12.66
CA ASN A 136 2.45 -31.86 -12.91
C ASN A 136 2.80 -32.07 -14.39
N SER A 137 1.83 -31.88 -15.26
CA SER A 137 2.09 -31.92 -16.70
C SER A 137 1.66 -30.60 -17.38
N VAL A 138 2.25 -30.34 -18.55
CA VAL A 138 1.79 -29.29 -19.45
C VAL A 138 1.32 -29.95 -20.73
N TYR A 139 0.09 -29.62 -21.13
CA TYR A 139 -0.43 -30.02 -22.43
C TYR A 139 -0.47 -28.89 -23.45
N LEU A 140 -0.19 -29.27 -24.70
CA LEU A 140 -0.32 -28.38 -25.83
C LEU A 140 -1.52 -28.82 -26.63
N TRP A 141 -2.31 -27.85 -27.10
CA TRP A 141 -3.49 -28.12 -27.92
C TRP A 141 -3.55 -27.11 -29.04
N SER A 142 -3.39 -27.56 -30.28
CA SER A 142 -3.53 -26.69 -31.44
C SER A 142 -5.00 -26.36 -31.70
N ALA A 143 -5.30 -25.07 -31.83
CA ALA A 143 -6.66 -24.66 -32.17
C ALA A 143 -6.90 -24.80 -33.68
N SER A 144 -5.82 -24.83 -34.46
CA SER A 144 -5.90 -25.21 -35.87
C SER A 144 -6.35 -26.67 -36.03
N SER A 145 -5.45 -27.59 -35.69
CA SER A 145 -5.64 -29.01 -35.99
C SER A 145 -6.47 -29.76 -34.97
N GLY A 146 -6.38 -29.38 -33.69
CA GLY A 146 -7.05 -30.11 -32.64
C GLY A 146 -6.12 -31.13 -32.02
N ASP A 147 -4.88 -31.21 -32.52
CA ASP A 147 -3.91 -32.14 -32.00
C ASP A 147 -3.52 -31.86 -30.54
N ILE A 148 -3.47 -32.91 -29.71
CA ILE A 148 -3.01 -32.79 -28.34
C ILE A 148 -1.66 -33.47 -28.07
N LEU A 149 -0.80 -32.80 -27.29
CA LEU A 149 0.54 -33.30 -26.94
C LEU A 149 0.87 -33.09 -25.46
N GLN A 150 1.30 -34.15 -24.78
CA GLN A 150 1.79 -33.99 -23.42
C GLN A 150 3.24 -33.59 -23.55
N LEU A 151 3.51 -32.31 -23.34
CA LEU A 151 4.84 -31.78 -23.60
C LEU A 151 5.88 -32.31 -22.63
N LEU A 152 5.48 -32.45 -21.36
CA LEU A 152 6.41 -32.67 -20.25
C LEU A 152 5.65 -33.13 -19.02
N GLN A 153 6.33 -33.81 -18.10
CA GLN A 153 5.72 -34.13 -16.83
C GLN A 153 6.80 -33.96 -15.80
N MET A 154 6.51 -33.29 -14.70
CA MET A 154 7.52 -33.08 -13.67
C MET A 154 8.12 -34.41 -13.17
N GLU A 155 9.37 -34.40 -12.74
CA GLU A 155 10.11 -35.63 -12.45
C GLU A 155 10.04 -36.07 -11.01
N GLN A 156 9.90 -35.11 -10.10
CA GLN A 156 10.06 -35.33 -8.67
C GLN A 156 8.70 -35.38 -7.95
N PRO A 157 8.59 -36.17 -6.88
CA PRO A 157 7.37 -36.17 -6.06
C PRO A 157 6.97 -34.79 -5.57
N GLY A 158 5.68 -34.51 -5.72
CA GLY A 158 5.09 -33.34 -5.14
C GLY A 158 5.30 -32.14 -6.02
N GLU A 159 6.10 -32.22 -7.07
CA GLU A 159 6.32 -31.02 -7.85
C GLU A 159 5.22 -30.78 -8.90
N TYR A 160 4.88 -29.52 -9.09
CA TYR A 160 3.85 -29.17 -10.04
C TYR A 160 4.25 -27.91 -10.78
N ILE A 161 3.54 -27.65 -11.87
CA ILE A 161 3.76 -26.48 -12.68
C ILE A 161 3.05 -25.27 -12.07
N SER A 162 3.74 -24.15 -12.04
CA SER A 162 3.24 -23.01 -11.36
C SER A 162 3.02 -21.85 -12.35
N SER A 163 3.60 -21.93 -13.55
CA SER A 163 3.35 -20.89 -14.56
C SER A 163 3.71 -21.35 -15.96
N VAL A 164 3.10 -20.74 -16.98
CA VAL A 164 3.57 -21.00 -18.33
C VAL A 164 3.49 -19.71 -19.13
N ALA A 165 4.42 -19.52 -20.07
CA ALA A 165 4.35 -18.41 -21.00
C ALA A 165 5.16 -18.69 -22.26
N TRP A 166 4.50 -18.52 -23.40
CA TRP A 166 5.12 -18.62 -24.70
C TRP A 166 5.98 -17.40 -24.98
N ILE A 167 7.10 -17.64 -25.66
CA ILE A 167 7.92 -16.58 -26.24
C ILE A 167 7.16 -16.06 -27.45
N LYS A 168 7.50 -14.84 -27.90
CA LYS A 168 6.67 -14.13 -28.90
C LYS A 168 6.34 -14.97 -30.12
N GLU A 169 7.36 -15.62 -30.66
CA GLU A 169 7.23 -16.38 -31.89
C GLU A 169 6.61 -17.77 -31.67
N GLY A 170 6.35 -18.12 -30.43
CA GLY A 170 5.55 -19.29 -30.16
C GLY A 170 6.24 -20.62 -30.36
N ASN A 171 7.56 -20.62 -30.48
CA ASN A 171 8.30 -21.86 -30.72
C ASN A 171 9.01 -22.39 -29.47
N TYR A 172 9.23 -21.53 -28.48
CA TYR A 172 9.72 -22.00 -27.18
C TYR A 172 8.70 -21.69 -26.09
N LEU A 173 8.66 -22.53 -25.05
CA LEU A 173 7.75 -22.31 -23.94
C LEU A 173 8.50 -22.18 -22.62
N ALA A 174 8.19 -21.13 -21.87
CA ALA A 174 8.71 -21.02 -20.52
C ALA A 174 7.75 -21.71 -19.55
N VAL A 175 8.31 -22.38 -18.56
CA VAL A 175 7.54 -23.12 -17.55
C VAL A 175 8.15 -22.89 -16.18
N GLY A 176 7.40 -22.30 -15.28
CA GLY A 176 7.88 -22.14 -13.92
C GLY A 176 7.39 -23.26 -13.06
N THR A 177 8.16 -23.64 -12.04
CA THR A 177 7.74 -24.81 -11.23
C THR A 177 7.67 -24.50 -9.77
N SER A 178 7.00 -25.42 -9.06
CA SER A 178 6.92 -25.37 -7.62
C SER A 178 8.30 -25.58 -7.01
N SER A 179 9.22 -26.07 -7.81
CA SER A 179 10.54 -26.28 -7.26
C SER A 179 11.48 -25.10 -7.64
N ALA A 180 10.89 -24.00 -8.10
CA ALA A 180 11.59 -22.72 -8.27
C ALA A 180 12.52 -22.72 -9.50
N GLU A 181 12.14 -23.49 -10.51
CA GLU A 181 12.90 -23.48 -11.74
C GLU A 181 12.12 -22.71 -12.82
N VAL A 182 12.84 -22.14 -13.77
CA VAL A 182 12.21 -21.65 -14.95
C VAL A 182 12.80 -22.43 -16.07
N GLN A 183 12.02 -23.36 -16.58
CA GLN A 183 12.46 -24.23 -17.62
C GLN A 183 12.09 -23.62 -18.94
N LEU A 184 12.91 -23.91 -19.96
CA LEU A 184 12.67 -23.41 -21.31
C LEU A 184 12.61 -24.60 -22.28
N TRP A 185 11.53 -24.69 -23.04
CA TRP A 185 11.23 -25.87 -23.80
C TRP A 185 11.11 -25.53 -25.27
N ASP A 186 11.87 -26.24 -26.10
CA ASP A 186 11.68 -26.19 -27.54
C ASP A 186 10.53 -27.12 -27.86
N VAL A 187 9.50 -26.58 -28.47
CA VAL A 187 8.25 -27.32 -28.55
C VAL A 187 8.21 -28.31 -29.70
N GLN A 188 8.87 -28.02 -30.83
CA GLN A 188 8.90 -28.97 -31.94
C GLN A 188 9.77 -30.17 -31.57
N GLN A 189 11.06 -29.89 -31.42
CA GLN A 189 12.01 -30.87 -30.90
C GLN A 189 11.46 -31.57 -29.66
N GLN A 190 10.60 -30.90 -28.91
CA GLN A 190 10.10 -31.45 -27.64
C GLN A 190 11.22 -31.67 -26.59
N LYS A 191 12.30 -30.90 -26.69
CA LYS A 191 13.43 -30.99 -25.76
C LYS A 191 13.40 -29.83 -24.74
N ARG A 192 14.07 -30.00 -23.61
CA ARG A 192 14.22 -28.92 -22.66
C ARG A 192 15.60 -28.26 -22.75
N LEU A 193 15.63 -27.10 -23.38
CA LEU A 193 16.84 -26.32 -23.57
C LEU A 193 17.46 -25.76 -22.28
N ARG A 194 16.65 -25.38 -21.31
CA ARG A 194 17.25 -24.85 -20.10
C ARG A 194 16.45 -25.17 -18.88
N ASN A 195 17.15 -25.21 -17.76
CA ASN A 195 16.53 -25.35 -16.48
C ASN A 195 17.13 -24.30 -15.57
N MET A 196 16.55 -23.11 -15.57
CA MET A 196 17.17 -21.99 -14.90
C MET A 196 16.70 -21.87 -13.44
N THR A 197 17.68 -21.86 -12.55
CA THR A 197 17.44 -21.72 -11.12
C THR A 197 17.99 -20.39 -10.67
N SER A 198 17.46 -19.86 -9.59
CA SER A 198 17.81 -18.53 -9.06
C SER A 198 16.84 -18.20 -7.94
N HIS A 199 15.58 -18.61 -8.09
CA HIS A 199 14.56 -18.20 -7.14
C HIS A 199 14.60 -19.06 -5.90
N SER A 200 14.05 -18.57 -4.82
CA SER A 200 14.07 -19.34 -3.60
C SER A 200 12.74 -20.05 -3.39
N ALA A 201 11.77 -19.87 -4.26
CA ALA A 201 10.45 -20.39 -4.00
C ALA A 201 9.72 -20.49 -5.31
N ARG A 202 8.50 -20.99 -5.28
CA ARG A 202 7.85 -21.35 -6.53
C ARG A 202 7.75 -20.14 -7.47
N VAL A 203 7.70 -20.43 -8.77
CA VAL A 203 7.62 -19.39 -9.77
C VAL A 203 6.20 -19.37 -10.37
N GLY A 204 5.39 -18.45 -9.86
CA GLY A 204 4.00 -18.35 -10.25
C GLY A 204 3.69 -17.45 -11.45
N SER A 205 4.63 -16.62 -11.91
CA SER A 205 4.30 -15.72 -13.02
C SER A 205 5.47 -15.47 -13.94
N LEU A 206 5.14 -15.18 -15.18
CA LEU A 206 6.12 -15.10 -16.22
C LEU A 206 5.70 -14.05 -17.21
N SER A 207 6.68 -13.31 -17.71
CA SER A 207 6.40 -12.43 -18.83
C SER A 207 7.65 -12.28 -19.68
N TRP A 208 7.47 -12.40 -21.00
CA TRP A 208 8.53 -12.19 -21.97
C TRP A 208 8.66 -10.74 -22.49
N ASN A 209 9.90 -10.36 -22.77
CA ASN A 209 10.18 -9.15 -23.45
C ASN A 209 11.34 -9.47 -24.33
N SER A 210 11.04 -9.87 -25.56
CA SER A 210 12.06 -10.30 -26.48
C SER A 210 12.79 -11.56 -25.94
N TYR A 211 14.10 -11.49 -25.74
CA TYR A 211 14.88 -12.63 -25.23
C TYR A 211 15.03 -12.54 -23.69
N ILE A 212 14.52 -11.47 -23.11
CA ILE A 212 14.45 -11.39 -21.65
C ILE A 212 13.15 -12.01 -21.16
N LEU A 213 13.28 -12.96 -20.24
CA LEU A 213 12.13 -13.58 -19.66
C LEU A 213 12.12 -13.19 -18.19
N SER A 214 11.06 -12.55 -17.77
CA SER A 214 10.88 -12.14 -16.39
C SER A 214 10.02 -13.14 -15.62
N SER A 215 10.45 -13.41 -14.40
CA SER A 215 9.83 -14.45 -13.60
C SER A 215 9.54 -13.89 -12.23
N GLY A 216 8.37 -14.22 -11.69
CA GLY A 216 8.06 -13.80 -10.34
C GLY A 216 7.80 -14.99 -9.43
N SER A 217 7.95 -14.76 -8.14
CA SER A 217 8.03 -15.87 -7.21
C SER A 217 7.24 -15.62 -5.94
N ARG A 218 6.92 -16.71 -5.23
CA ARG A 218 6.25 -16.60 -3.95
C ARG A 218 7.09 -15.86 -2.91
N SER A 219 8.39 -15.77 -3.19
CA SER A 219 9.33 -15.06 -2.34
C SER A 219 9.10 -13.54 -2.38
N GLY A 220 8.53 -13.06 -3.47
CA GLY A 220 8.32 -11.64 -3.64
C GLY A 220 9.26 -11.05 -4.66
N HIS A 221 10.33 -11.78 -4.97
CA HIS A 221 11.31 -11.23 -5.93
C HIS A 221 10.88 -11.45 -7.36
N ILE A 222 11.35 -10.56 -8.24
CA ILE A 222 11.24 -10.76 -9.67
C ILE A 222 12.64 -10.84 -10.30
N HIS A 223 12.86 -11.81 -11.18
CA HIS A 223 14.14 -11.97 -11.85
C HIS A 223 14.02 -11.73 -13.35
N HIS A 224 14.97 -10.97 -13.91
CA HIS A 224 15.13 -10.96 -15.37
C HIS A 224 16.15 -12.03 -15.78
N HIS A 225 15.78 -12.82 -16.79
CA HIS A 225 16.58 -13.91 -17.33
C HIS A 225 16.94 -13.60 -18.75
N ASP A 226 18.24 -13.54 -19.03
CA ASP A 226 18.70 -13.44 -20.42
C ASP A 226 18.86 -14.88 -20.92
N VAL A 227 17.84 -15.41 -21.61
CA VAL A 227 17.79 -16.84 -21.84
C VAL A 227 18.83 -17.28 -22.87
N ARG A 228 19.51 -16.31 -23.49
CA ARG A 228 20.53 -16.59 -24.49
C ARG A 228 21.89 -16.92 -23.86
N VAL A 229 22.17 -16.39 -22.68
CA VAL A 229 23.51 -16.52 -22.09
C VAL A 229 23.56 -17.52 -20.93
N ALA A 230 24.77 -17.82 -20.46
CA ALA A 230 24.95 -18.90 -19.49
C ALA A 230 24.55 -18.47 -18.06
N GLU A 231 25.02 -17.28 -17.68
CA GLU A 231 24.57 -16.62 -16.45
C GLU A 231 23.28 -15.90 -16.76
N HIS A 232 22.17 -16.64 -16.70
CA HIS A 232 20.89 -16.16 -17.17
C HIS A 232 20.37 -15.00 -16.31
N HIS A 233 20.72 -15.04 -15.03
CA HIS A 233 20.17 -14.13 -14.06
C HIS A 233 20.86 -12.78 -14.09
N VAL A 234 20.23 -11.85 -14.76
CA VAL A 234 20.85 -10.56 -14.97
C VAL A 234 20.23 -9.43 -14.17
N ALA A 235 19.12 -9.66 -13.48
CA ALA A 235 18.55 -8.59 -12.67
C ALA A 235 17.63 -9.10 -11.59
N THR A 236 17.60 -8.38 -10.47
CA THR A 236 16.63 -8.65 -9.41
C THR A 236 15.81 -7.41 -9.04
N LEU A 237 14.49 -7.50 -9.20
CA LEU A 237 13.59 -6.39 -8.83
C LEU A 237 12.88 -6.77 -7.56
N SER A 238 13.11 -6.00 -6.49
CA SER A 238 12.54 -6.38 -5.20
C SER A 238 11.56 -5.33 -4.65
N GLY A 239 10.31 -5.47 -5.08
CA GLY A 239 9.27 -4.53 -4.71
C GLY A 239 8.07 -5.19 -4.07
N HIS A 240 8.18 -6.48 -3.75
CA HIS A 240 7.03 -7.14 -3.14
C HIS A 240 7.47 -7.93 -1.93
N SER A 241 6.61 -7.97 -0.92
CA SER A 241 6.90 -8.73 0.30
C SER A 241 6.18 -10.08 0.33
N GLN A 242 5.44 -10.38 -0.73
CA GLN A 242 4.70 -11.63 -0.84
C GLN A 242 4.58 -12.02 -2.32
N GLU A 243 3.85 -13.08 -2.62
CA GLU A 243 3.89 -13.68 -3.95
C GLU A 243 3.60 -12.70 -5.09
N VAL A 244 4.51 -12.66 -6.03
CA VAL A 244 4.26 -11.98 -7.26
C VAL A 244 3.36 -12.82 -8.16
N CYS A 245 2.07 -12.53 -8.13
CA CYS A 245 1.14 -13.32 -8.95
C CYS A 245 0.75 -12.68 -10.28
N GLY A 246 1.08 -11.41 -10.48
CA GLY A 246 0.80 -10.77 -11.76
C GLY A 246 2.08 -10.17 -12.29
N LEU A 247 2.35 -10.40 -13.57
CA LEU A 247 3.62 -9.95 -14.15
C LEU A 247 3.39 -9.72 -15.66
N ARG A 248 3.50 -8.48 -16.13
CA ARG A 248 3.29 -8.25 -17.56
C ARG A 248 4.12 -7.09 -18.13
N TRP A 249 4.85 -7.37 -19.20
CA TRP A 249 5.53 -6.32 -19.98
C TRP A 249 4.54 -5.55 -20.82
N ALA A 250 4.72 -4.23 -20.85
CA ALA A 250 3.91 -3.39 -21.70
C ALA A 250 4.24 -3.78 -23.13
N PRO A 251 3.24 -3.74 -24.00
CA PRO A 251 3.44 -4.10 -25.41
C PRO A 251 4.62 -3.34 -26.04
N ASP A 252 4.88 -2.11 -25.63
CA ASP A 252 5.99 -1.34 -26.20
C ASP A 252 7.32 -1.49 -25.45
N GLY A 253 7.36 -2.39 -24.48
CA GLY A 253 8.60 -2.67 -23.77
C GLY A 253 9.12 -1.60 -22.83
N ARG A 254 8.38 -0.51 -22.65
CA ARG A 254 8.88 0.58 -21.81
C ARG A 254 8.67 0.35 -20.31
N HIS A 255 7.72 -0.51 -19.98
CA HIS A 255 7.40 -0.79 -18.58
C HIS A 255 7.08 -2.26 -18.34
N LEU A 256 7.32 -2.68 -17.10
CA LEU A 256 6.92 -3.97 -16.58
C LEU A 256 6.00 -3.78 -15.36
N ALA A 257 4.80 -4.33 -15.39
CA ALA A 257 3.92 -4.30 -14.21
C ALA A 257 3.94 -5.64 -13.47
N SER A 258 3.93 -5.51 -12.15
CA SER A 258 3.91 -6.65 -11.29
C SER A 258 2.81 -6.42 -10.27
N GLY A 259 2.15 -7.50 -9.90
CA GLY A 259 1.08 -7.45 -8.91
C GLY A 259 1.34 -8.53 -7.89
N GLY A 260 0.97 -8.24 -6.65
CA GLY A 260 1.33 -9.13 -5.57
C GLY A 260 0.19 -9.46 -4.63
N ASN A 261 0.41 -10.50 -3.83
CA ASN A 261 -0.48 -10.88 -2.76
C ASN A 261 -0.25 -9.99 -1.51
N ASP A 262 0.76 -9.12 -1.59
CA ASP A 262 0.90 -7.99 -0.69
C ASP A 262 -0.04 -6.80 -1.14
N ASN A 263 -0.90 -7.06 -2.13
CA ASN A 263 -1.86 -6.05 -2.61
C ASN A 263 -1.21 -4.84 -3.32
N LEU A 264 0.08 -4.95 -3.63
CA LEU A 264 0.79 -3.92 -4.35
C LEU A 264 0.76 -4.13 -5.85
N VAL A 265 0.71 -3.02 -6.56
CA VAL A 265 1.04 -2.99 -7.98
C VAL A 265 2.24 -2.11 -8.15
N ASN A 266 3.30 -2.66 -8.76
CA ASN A 266 4.47 -1.86 -9.08
C ASN A 266 4.60 -1.72 -10.59
N VAL A 267 5.07 -0.57 -11.04
CA VAL A 267 5.40 -0.38 -12.45
C VAL A 267 6.89 -0.16 -12.55
N TRP A 268 7.58 -1.04 -13.24
CA TRP A 268 9.02 -0.96 -13.25
C TRP A 268 9.46 -0.35 -14.55
N PRO A 269 10.55 0.40 -14.51
CA PRO A 269 11.28 0.83 -15.70
C PRO A 269 11.84 -0.39 -16.41
N SER A 270 12.19 -0.23 -17.67
CA SER A 270 12.82 -1.30 -18.47
C SER A 270 14.31 -1.44 -18.26
N ALA A 271 14.90 -0.51 -17.52
CA ALA A 271 16.33 -0.50 -17.28
C ALA A 271 16.58 0.26 -15.98
N PRO A 272 17.53 -0.22 -15.16
CA PRO A 272 17.69 0.39 -13.84
C PRO A 272 18.19 1.79 -13.97
N GLY A 273 18.12 2.54 -12.89
CA GLY A 273 18.61 3.90 -12.88
C GLY A 273 19.72 4.03 -11.86
N GLU A 274 20.00 5.27 -11.47
CA GLU A 274 21.04 5.52 -10.48
C GLU A 274 20.69 4.74 -9.22
N GLY A 275 19.41 4.75 -8.86
CA GLY A 275 18.96 4.05 -7.68
C GLY A 275 18.99 2.55 -7.87
N GLY A 276 19.18 2.12 -9.11
CA GLY A 276 19.11 0.71 -9.44
C GLY A 276 17.68 0.35 -9.81
N TRP A 277 17.27 -0.86 -9.45
CA TRP A 277 15.91 -1.26 -9.77
C TRP A 277 14.90 -0.77 -8.72
N VAL A 278 14.19 0.29 -9.09
CA VAL A 278 13.18 0.88 -8.25
C VAL A 278 11.94 1.12 -9.12
N PRO A 279 10.75 0.94 -8.54
CA PRO A 279 9.56 1.22 -9.32
C PRO A 279 9.44 2.71 -9.69
N LEU A 280 9.00 2.96 -10.92
CA LEU A 280 8.40 4.23 -11.34
C LEU A 280 7.09 4.55 -10.62
N GLN A 281 6.31 3.50 -10.27
CA GLN A 281 5.06 3.71 -9.52
C GLN A 281 4.80 2.56 -8.58
N THR A 282 4.02 2.86 -7.57
CA THR A 282 3.54 1.85 -6.70
C THR A 282 2.17 2.23 -6.22
N PHE A 283 1.19 1.49 -6.70
CA PHE A 283 -0.20 1.71 -6.40
C PHE A 283 -0.66 0.76 -5.29
N THR A 284 -1.17 1.38 -4.24
CA THR A 284 -1.55 0.73 -3.02
C THR A 284 -3.04 0.62 -2.81
N GLN A 285 -3.84 1.07 -3.77
CA GLN A 285 -5.27 1.17 -3.52
C GLN A 285 -5.96 -0.16 -3.49
N HIS A 286 -5.45 -1.17 -4.21
CA HIS A 286 -6.08 -2.49 -4.10
C HIS A 286 -5.97 -3.04 -2.66
N GLN A 287 -7.03 -3.73 -2.24
CA GLN A 287 -7.15 -4.21 -0.87
C GLN A 287 -7.10 -5.74 -0.79
N GLY A 288 -6.53 -6.34 -1.82
CA GLY A 288 -6.48 -7.78 -2.00
C GLY A 288 -5.44 -8.10 -3.07
N ALA A 289 -5.17 -9.39 -3.27
CA ALA A 289 -4.10 -9.74 -4.17
C ALA A 289 -4.41 -9.22 -5.59
N VAL A 290 -3.37 -8.90 -6.36
CA VAL A 290 -3.55 -8.34 -7.67
C VAL A 290 -2.88 -9.24 -8.63
N LYS A 291 -3.64 -10.15 -9.17
CA LYS A 291 -3.11 -11.07 -10.16
C LYS A 291 -3.38 -10.56 -11.56
N ALA A 292 -4.44 -9.78 -11.70
CA ALA A 292 -4.88 -9.36 -13.00
C ALA A 292 -4.21 -8.04 -13.35
N VAL A 293 -3.47 -8.07 -14.45
CA VAL A 293 -2.61 -7.01 -14.88
C VAL A 293 -2.62 -7.08 -16.41
N ALA A 294 -2.90 -5.96 -17.06
CA ALA A 294 -2.95 -5.95 -18.51
C ALA A 294 -2.79 -4.52 -19.08
N TRP A 295 -2.01 -4.40 -20.15
CA TRP A 295 -1.73 -3.09 -20.72
C TRP A 295 -2.71 -2.78 -21.80
N CYS A 296 -3.15 -1.53 -21.87
CA CYS A 296 -3.98 -1.12 -22.98
C CYS A 296 -3.17 -1.20 -24.30
N PRO A 297 -3.66 -1.99 -25.26
CA PRO A 297 -2.93 -2.08 -26.53
C PRO A 297 -2.96 -0.79 -27.39
N TRP A 298 -3.86 0.15 -27.12
CA TRP A 298 -3.95 1.38 -27.93
C TRP A 298 -3.75 2.71 -27.17
N GLN A 299 -3.17 2.64 -25.97
CA GLN A 299 -2.94 3.80 -25.11
C GLN A 299 -1.74 3.39 -24.30
N SER A 300 -0.58 3.89 -24.70
CA SER A 300 0.70 3.41 -24.19
C SER A 300 0.82 3.25 -22.65
N ASN A 301 0.38 4.25 -21.92
CA ASN A 301 0.70 4.34 -20.51
C ASN A 301 -0.45 3.92 -19.61
N VAL A 302 -1.43 3.25 -20.21
CA VAL A 302 -2.65 2.87 -19.51
C VAL A 302 -2.61 1.39 -19.09
N LEU A 303 -2.87 1.16 -17.82
CA LEU A 303 -2.80 -0.16 -17.25
C LEU A 303 -4.09 -0.48 -16.52
N ALA A 304 -4.61 -1.69 -16.74
CA ALA A 304 -5.73 -2.20 -15.96
C ALA A 304 -5.23 -3.22 -14.95
N THR A 305 -5.76 -3.16 -13.73
CA THR A 305 -5.44 -4.14 -12.68
C THR A 305 -6.71 -4.59 -11.99
N GLY A 306 -6.68 -5.79 -11.44
CA GLY A 306 -7.85 -6.35 -10.78
C GLY A 306 -7.53 -6.99 -9.44
N GLY A 307 -8.39 -6.79 -8.45
CA GLY A 307 -8.11 -7.28 -7.11
C GLY A 307 -8.86 -8.54 -6.68
N GLY A 308 -8.27 -9.24 -5.69
CA GLY A 308 -8.83 -10.44 -5.07
C GLY A 308 -10.11 -10.27 -4.26
N THR A 309 -10.43 -11.26 -3.41
CA THR A 309 -11.78 -11.39 -2.82
C THR A 309 -12.11 -10.24 -1.86
N SER A 310 -11.12 -9.77 -1.12
CA SER A 310 -11.31 -8.63 -0.24
C SER A 310 -11.23 -7.28 -0.99
N ASP A 311 -11.04 -7.30 -2.30
CA ASP A 311 -10.94 -6.05 -3.05
C ASP A 311 -12.02 -5.91 -4.12
N ARG A 312 -12.02 -6.81 -5.08
CA ARG A 312 -13.15 -6.90 -6.01
C ARG A 312 -13.21 -5.77 -7.01
N HIS A 313 -12.18 -4.93 -7.06
CA HIS A 313 -12.20 -3.84 -8.01
C HIS A 313 -11.30 -4.06 -9.20
N ILE A 314 -11.77 -3.50 -10.32
CA ILE A 314 -10.95 -3.24 -11.48
C ILE A 314 -10.54 -1.78 -11.47
N ARG A 315 -9.25 -1.54 -11.65
CA ARG A 315 -8.70 -0.20 -11.65
C ARG A 315 -7.91 0.08 -12.96
N ILE A 316 -8.06 1.28 -13.48
CA ILE A 316 -7.36 1.69 -14.68
C ILE A 316 -6.36 2.77 -14.27
N TRP A 317 -5.12 2.70 -14.74
CA TRP A 317 -4.12 3.69 -14.33
C TRP A 317 -3.47 4.35 -15.50
N ASN A 318 -3.01 5.58 -15.29
CA ASN A 318 -1.95 6.18 -16.12
C ASN A 318 -0.61 6.02 -15.41
N VAL A 319 0.31 5.25 -15.98
CA VAL A 319 1.53 4.94 -15.23
C VAL A 319 2.55 6.04 -15.37
N CYS A 320 2.29 6.98 -16.27
CA CYS A 320 3.13 8.17 -16.36
C CYS A 320 2.80 9.16 -15.23
N SER A 321 1.56 9.64 -15.16
CA SER A 321 1.08 10.57 -14.11
C SER A 321 0.93 9.98 -12.69
N GLY A 322 0.65 8.69 -12.63
CA GLY A 322 0.37 8.03 -11.36
C GLY A 322 -1.11 7.98 -11.02
N ALA A 323 -1.93 8.51 -11.91
CA ALA A 323 -3.37 8.64 -11.59
C ALA A 323 -4.14 7.35 -11.68
N CYS A 324 -5.08 7.14 -10.76
CA CYS A 324 -6.14 6.17 -11.00
C CYS A 324 -7.22 6.88 -11.81
N LEU A 325 -7.42 6.45 -13.05
CA LEU A 325 -8.44 7.00 -13.91
C LEU A 325 -9.79 6.38 -13.66
N SER A 326 -9.83 5.27 -12.94
CA SER A 326 -11.12 4.62 -12.80
C SER A 326 -11.07 3.40 -11.89
N ALA A 327 -12.15 3.24 -11.14
CA ALA A 327 -12.30 2.13 -10.22
C ALA A 327 -13.72 1.66 -10.33
N VAL A 328 -13.88 0.37 -10.58
CA VAL A 328 -15.16 -0.24 -10.80
C VAL A 328 -15.32 -1.46 -9.89
N ASP A 329 -16.41 -1.50 -9.14
CA ASP A 329 -16.70 -2.64 -8.31
C ASP A 329 -17.18 -3.76 -9.21
N ALA A 330 -16.45 -4.86 -9.20
CA ALA A 330 -16.79 -6.02 -10.01
C ALA A 330 -17.48 -7.09 -9.16
N HIS A 331 -17.58 -6.84 -7.84
CA HIS A 331 -18.41 -7.66 -6.95
C HIS A 331 -17.92 -9.08 -6.75
N SER A 332 -16.68 -9.33 -7.14
CA SER A 332 -16.16 -10.68 -7.16
C SER A 332 -14.66 -10.56 -7.37
N GLN A 333 -13.90 -11.50 -6.83
CA GLN A 333 -12.48 -11.51 -7.08
C GLN A 333 -12.23 -11.53 -8.58
N VAL A 334 -11.22 -10.76 -8.99
CA VAL A 334 -10.93 -10.58 -10.40
C VAL A 334 -9.65 -11.28 -10.70
N CYS A 335 -9.71 -12.35 -11.49
CA CYS A 335 -8.50 -13.16 -11.70
C CYS A 335 -7.68 -12.73 -12.91
N SER A 336 -8.33 -12.23 -13.95
CA SER A 336 -7.62 -11.89 -15.17
C SER A 336 -8.35 -10.77 -15.85
N ILE A 337 -7.60 -9.93 -16.54
CA ILE A 337 -8.16 -8.97 -17.46
C ILE A 337 -7.47 -9.11 -18.81
N LEU A 338 -8.22 -9.00 -19.91
CA LEU A 338 -7.65 -8.77 -21.23
C LEU A 338 -8.27 -7.53 -21.87
N TRP A 339 -7.49 -6.83 -22.67
CA TRP A 339 -8.03 -5.80 -23.51
C TRP A 339 -8.29 -6.35 -24.91
N SER A 340 -9.31 -5.83 -25.60
CA SER A 340 -9.57 -6.12 -27.00
C SER A 340 -9.62 -4.85 -27.87
N PRO A 341 -8.71 -4.76 -28.85
CA PRO A 341 -8.75 -3.64 -29.80
C PRO A 341 -10.08 -3.64 -30.54
N HIS A 342 -10.41 -4.78 -31.11
CA HIS A 342 -11.60 -4.95 -31.92
C HIS A 342 -12.74 -3.97 -31.61
N TYR A 343 -13.20 -3.92 -30.37
CA TYR A 343 -14.32 -3.02 -30.04
C TYR A 343 -13.98 -2.05 -28.91
N LYS A 344 -12.70 -2.02 -28.51
CA LYS A 344 -12.25 -1.20 -27.37
C LYS A 344 -12.97 -1.60 -26.08
N GLU A 345 -12.71 -2.81 -25.65
CA GLU A 345 -13.38 -3.34 -24.49
C GLU A 345 -12.34 -4.00 -23.60
N LEU A 346 -12.73 -4.26 -22.36
CA LEU A 346 -11.97 -5.13 -21.50
C LEU A 346 -12.84 -6.29 -21.21
N ILE A 347 -12.21 -7.43 -20.98
CA ILE A 347 -12.92 -8.58 -20.41
C ILE A 347 -12.17 -9.03 -19.14
N SER A 348 -12.92 -9.32 -18.07
CA SER A 348 -12.36 -9.80 -16.81
C SER A 348 -12.95 -11.17 -16.40
N GLY A 349 -12.22 -11.94 -15.62
CA GLY A 349 -12.69 -13.25 -15.18
C GLY A 349 -12.94 -13.20 -13.69
N HIS A 350 -13.94 -13.93 -13.21
CA HIS A 350 -14.36 -13.84 -11.81
C HIS A 350 -14.63 -15.19 -11.17
N GLY A 351 -14.71 -15.17 -9.84
CA GLY A 351 -15.11 -16.31 -9.07
C GLY A 351 -16.51 -16.17 -8.50
N PHE A 352 -16.58 -16.27 -7.19
CA PHE A 352 -17.84 -16.24 -6.50
C PHE A 352 -18.39 -14.84 -6.62
N ALA A 353 -19.68 -14.67 -6.93
CA ALA A 353 -20.68 -15.73 -6.87
C ALA A 353 -20.98 -16.42 -8.20
N GLN A 354 -20.84 -15.69 -9.29
CA GLN A 354 -21.36 -16.15 -10.55
C GLN A 354 -20.31 -16.72 -11.49
N ASN A 355 -19.02 -16.65 -11.09
CA ASN A 355 -17.95 -17.28 -11.88
C ASN A 355 -18.03 -16.91 -13.35
N GLN A 356 -18.28 -15.63 -13.62
CA GLN A 356 -18.57 -15.18 -14.98
C GLN A 356 -17.38 -14.44 -15.61
N LEU A 357 -17.43 -14.31 -16.94
CA LEU A 357 -16.66 -13.30 -17.62
C LEU A 357 -17.55 -12.06 -17.76
N VAL A 358 -16.97 -10.87 -17.62
CA VAL A 358 -17.68 -9.63 -17.87
C VAL A 358 -16.92 -8.80 -18.89
N ILE A 359 -17.64 -8.32 -19.90
CA ILE A 359 -17.07 -7.51 -20.97
C ILE A 359 -17.45 -6.06 -20.70
N TRP A 360 -16.46 -5.18 -20.66
CA TRP A 360 -16.74 -3.78 -20.36
C TRP A 360 -16.35 -2.87 -21.54
N LYS A 361 -17.13 -1.83 -21.76
CA LYS A 361 -16.80 -0.80 -22.73
C LYS A 361 -15.76 0.14 -22.16
N TYR A 362 -14.70 0.38 -22.92
CA TYR A 362 -13.72 1.37 -22.52
C TYR A 362 -13.90 2.59 -23.41
N PRO A 363 -13.85 3.80 -22.83
CA PRO A 363 -13.44 4.10 -21.46
C PRO A 363 -14.59 4.35 -20.52
N THR A 364 -15.81 4.09 -20.96
CA THR A 364 -16.98 4.34 -20.11
C THR A 364 -17.10 3.39 -18.93
N MET A 365 -16.41 2.25 -19.03
CA MET A 365 -16.55 1.13 -18.10
C MET A 365 -17.99 0.66 -17.88
N ALA A 366 -18.76 0.66 -18.97
CA ALA A 366 -20.10 0.13 -18.93
C ALA A 366 -20.05 -1.36 -19.22
N LYS A 367 -20.90 -2.10 -18.52
CA LYS A 367 -21.00 -3.53 -18.68
C LYS A 367 -21.72 -3.84 -20.01
N VAL A 368 -21.06 -4.54 -20.92
CA VAL A 368 -21.65 -5.00 -22.19
C VAL A 368 -22.27 -6.40 -22.10
N ALA A 369 -21.49 -7.36 -21.62
CA ALA A 369 -21.95 -8.74 -21.49
C ALA A 369 -21.45 -9.39 -20.23
N GLU A 370 -22.20 -10.38 -19.80
CA GLU A 370 -21.73 -11.36 -18.82
C GLU A 370 -21.78 -12.72 -19.50
N LEU A 371 -20.80 -13.56 -19.20
CA LEU A 371 -20.68 -14.82 -19.89
C LEU A 371 -20.70 -15.87 -18.82
N LYS A 372 -21.82 -16.56 -18.68
CA LYS A 372 -21.93 -17.49 -17.59
C LYS A 372 -21.74 -18.91 -18.09
N GLY A 373 -21.41 -19.80 -17.17
CA GLY A 373 -21.18 -21.19 -17.53
C GLY A 373 -20.32 -21.88 -16.50
N HIS A 374 -19.11 -21.39 -16.35
CA HIS A 374 -18.22 -21.99 -15.38
C HIS A 374 -18.96 -22.21 -14.06
N THR A 375 -18.69 -23.37 -13.46
CA THR A 375 -19.40 -23.78 -12.27
C THR A 375 -18.51 -23.62 -11.05
N SER A 376 -17.24 -23.39 -11.29
CA SER A 376 -16.36 -22.95 -10.22
C SER A 376 -15.62 -21.72 -10.70
N ARG A 377 -14.83 -21.16 -9.81
CA ARG A 377 -14.13 -19.92 -10.12
C ARG A 377 -13.19 -19.98 -11.34
N VAL A 378 -13.19 -18.88 -12.08
CA VAL A 378 -12.30 -18.67 -13.20
C VAL A 378 -10.91 -18.43 -12.64
N LEU A 379 -9.90 -18.97 -13.30
CA LEU A 379 -8.55 -18.88 -12.78
C LEU A 379 -7.73 -18.02 -13.72
N SER A 380 -8.04 -18.06 -15.02
CA SER A 380 -7.21 -17.44 -16.05
C SER A 380 -7.93 -17.16 -17.35
N LEU A 381 -7.60 -16.03 -17.96
CA LEU A 381 -8.07 -15.74 -19.29
C LEU A 381 -6.85 -15.65 -20.17
N THR A 382 -6.98 -16.02 -21.43
CA THR A 382 -5.90 -15.83 -22.38
C THR A 382 -6.58 -15.58 -23.73
N MET A 383 -5.88 -14.96 -24.68
CA MET A 383 -6.54 -14.59 -25.94
C MET A 383 -5.91 -15.26 -27.15
N SER A 384 -6.73 -15.55 -28.14
CA SER A 384 -6.23 -16.15 -29.36
C SER A 384 -5.49 -15.09 -30.17
N PRO A 385 -4.67 -15.51 -31.14
CA PRO A 385 -3.87 -14.57 -31.94
C PRO A 385 -4.68 -13.65 -32.81
N ASP A 386 -5.81 -14.09 -33.38
CA ASP A 386 -6.67 -13.18 -34.16
C ASP A 386 -7.53 -12.25 -33.28
N GLY A 387 -7.44 -12.42 -31.97
CA GLY A 387 -8.19 -11.61 -31.03
C GLY A 387 -9.69 -11.89 -30.93
N ALA A 388 -10.19 -12.88 -31.65
CA ALA A 388 -11.63 -13.17 -31.61
C ALA A 388 -12.07 -14.03 -30.41
N THR A 389 -11.17 -14.80 -29.84
CA THR A 389 -11.54 -15.78 -28.85
C THR A 389 -10.75 -15.68 -27.56
N VAL A 390 -11.48 -15.72 -26.45
CA VAL A 390 -10.88 -15.76 -25.13
C VAL A 390 -11.03 -17.17 -24.57
N ALA A 391 -9.97 -17.69 -23.96
CA ALA A 391 -10.04 -18.96 -23.28
C ALA A 391 -10.12 -18.68 -21.79
N SER A 392 -11.15 -19.22 -21.15
CA SER A 392 -11.22 -19.20 -19.69
C SER A 392 -10.99 -20.61 -19.15
N ALA A 393 -10.15 -20.66 -18.14
CA ALA A 393 -9.81 -21.86 -17.45
C ALA A 393 -10.34 -21.71 -16.05
N ALA A 394 -11.04 -22.72 -15.55
CA ALA A 394 -11.58 -22.62 -14.21
C ALA A 394 -11.36 -23.88 -13.36
N ALA A 395 -11.71 -23.75 -12.09
CA ALA A 395 -11.55 -24.79 -11.13
C ALA A 395 -12.63 -25.85 -11.26
N ASP A 396 -13.44 -25.77 -12.32
CA ASP A 396 -14.38 -26.84 -12.65
C ASP A 396 -13.74 -27.72 -13.70
N GLU A 397 -12.43 -27.61 -13.81
CA GLU A 397 -11.63 -28.45 -14.70
C GLU A 397 -12.11 -28.40 -16.14
N THR A 398 -12.52 -27.22 -16.57
CA THR A 398 -12.80 -26.99 -17.98
C THR A 398 -12.14 -25.71 -18.48
N LEU A 399 -11.85 -25.70 -19.76
CA LEU A 399 -11.49 -24.51 -20.48
C LEU A 399 -12.65 -24.20 -21.43
N ARG A 400 -13.25 -23.03 -21.30
CA ARG A 400 -14.26 -22.58 -22.26
C ARG A 400 -13.65 -21.54 -23.19
N LEU A 401 -13.99 -21.64 -24.46
CA LEU A 401 -13.39 -20.83 -25.49
C LEU A 401 -14.52 -20.02 -26.05
N TRP A 402 -14.48 -18.72 -25.79
CA TRP A 402 -15.60 -17.85 -26.14
C TRP A 402 -15.25 -16.97 -27.31
N ARG A 403 -16.04 -17.10 -28.36
CA ARG A 403 -15.90 -16.26 -29.55
C ARG A 403 -16.74 -14.99 -29.29
N CYS A 404 -16.12 -14.06 -28.57
CA CYS A 404 -16.86 -12.91 -28.06
C CYS A 404 -16.38 -11.62 -28.68
N PHE A 405 -15.33 -11.70 -29.48
CA PHE A 405 -14.77 -10.51 -30.10
C PHE A 405 -14.65 -10.70 -31.60
N GLU A 406 -15.61 -11.41 -32.19
CA GLU A 406 -15.65 -11.63 -33.64
C GLU A 406 -15.79 -10.32 -34.44
N LEU A 407 -15.16 -10.27 -35.63
CA LEU A 407 -15.16 -9.06 -36.47
C LEU A 407 -16.15 -9.01 -37.68
N ASP A 408 -15.82 -8.15 -38.65
CA ASP A 408 -16.42 -8.14 -40.00
C ASP A 408 -15.65 -7.22 -40.97
N CYS B 97 8.35 43.32 18.58
CA CYS B 97 8.17 41.92 18.93
C CYS B 97 8.30 41.73 20.45
N ARG B 98 7.90 40.55 20.94
CA ARG B 98 8.13 40.16 22.34
C ARG B 98 9.42 39.38 22.39
N TYR B 99 9.83 38.93 23.58
CA TYR B 99 11.08 38.18 23.67
C TYR B 99 10.90 36.66 23.54
N ILE B 100 11.42 36.14 22.43
CA ILE B 100 11.49 34.70 22.26
C ILE B 100 12.93 34.20 22.34
N PRO B 101 13.26 33.42 23.39
CA PRO B 101 14.65 32.97 23.50
C PRO B 101 15.06 32.20 22.25
N SER B 102 16.26 32.44 21.76
CA SER B 102 16.77 31.80 20.56
C SER B 102 17.41 30.42 20.89
N LEU B 103 17.36 30.04 22.16
CA LEU B 103 17.98 28.83 22.61
C LEU B 103 16.98 28.12 23.46
N PRO B 104 17.11 26.77 23.51
CA PRO B 104 16.32 25.91 24.36
C PRO B 104 16.57 26.21 25.82
N ASP B 105 15.54 26.07 26.64
CA ASP B 105 15.65 26.15 28.09
C ASP B 105 16.36 24.94 28.72
N ARG B 106 16.02 23.74 28.24
CA ARG B 106 16.64 22.50 28.67
C ARG B 106 16.86 21.60 27.45
N ILE B 107 17.83 20.71 27.52
CA ILE B 107 18.02 19.69 26.50
C ILE B 107 18.07 18.35 27.20
N LEU B 108 17.15 17.46 26.87
CA LEU B 108 17.16 16.10 27.41
C LEU B 108 17.78 15.15 26.40
N ASP B 109 18.56 14.20 26.87
CA ASP B 109 19.12 13.22 25.95
C ASP B 109 18.05 12.24 25.58
N ALA B 110 18.09 11.86 24.30
CA ALA B 110 17.12 10.92 23.72
C ALA B 110 17.86 9.88 22.92
N PRO B 111 18.68 9.09 23.62
CA PRO B 111 19.50 8.08 22.95
C PRO B 111 18.66 7.01 22.25
N GLU B 112 19.06 6.65 21.04
CA GLU B 112 18.46 5.55 20.27
C GLU B 112 17.04 5.90 19.78
N ILE B 113 16.71 7.19 19.73
CA ILE B 113 15.46 7.56 19.11
C ILE B 113 15.49 7.02 17.67
N ARG B 114 14.42 6.36 17.24
CA ARG B 114 14.33 5.90 15.85
C ARG B 114 14.09 7.07 14.90
N ASN B 115 14.89 7.14 13.85
CA ASN B 115 14.79 8.23 12.88
C ASN B 115 13.82 7.82 11.77
N ASP B 116 12.58 7.67 12.18
CA ASP B 116 11.56 7.21 11.31
C ASP B 116 10.47 8.30 11.32
N TYR B 117 10.34 9.03 10.23
CA TYR B 117 9.39 10.12 10.10
C TYR B 117 7.95 9.73 10.46
N TYR B 118 7.53 8.51 10.15
CA TYR B 118 6.13 8.12 10.33
C TYR B 118 5.65 7.90 11.79
N LEU B 119 6.58 7.86 12.71
CA LEU B 119 6.22 7.46 14.06
C LEU B 119 5.88 8.67 14.89
N ASN B 120 5.07 8.49 15.94
CA ASN B 120 4.84 9.58 16.88
C ASN B 120 5.33 9.22 18.27
N LEU B 121 6.54 9.65 18.54
CA LEU B 121 7.36 9.13 19.63
C LEU B 121 7.29 9.93 20.92
N VAL B 122 6.68 11.11 20.88
CA VAL B 122 6.63 11.91 22.10
C VAL B 122 5.25 12.45 22.44
N ASP B 123 4.95 12.52 23.74
CA ASP B 123 3.77 13.25 24.16
C ASP B 123 3.91 13.79 25.58
N TRP B 124 3.33 14.97 25.78
CA TRP B 124 3.39 15.70 27.05
C TRP B 124 2.04 15.73 27.76
N SER B 125 1.98 15.18 28.97
CA SER B 125 0.71 14.94 29.64
C SER B 125 0.22 16.14 30.42
N SER B 126 -1.08 16.15 30.68
CA SER B 126 -1.74 17.17 31.49
C SER B 126 -1.14 17.22 32.89
N GLY B 127 -0.62 16.08 33.36
CA GLY B 127 0.10 16.01 34.61
C GLY B 127 1.55 16.48 34.47
N ASN B 128 1.85 17.05 33.31
CA ASN B 128 3.17 17.61 33.06
C ASN B 128 4.29 16.57 33.01
N VAL B 129 3.96 15.38 32.51
CA VAL B 129 4.94 14.33 32.25
C VAL B 129 5.16 14.04 30.73
N LEU B 130 6.42 14.04 30.33
CA LEU B 130 6.78 13.80 28.94
C LEU B 130 6.97 12.29 28.78
N ALA B 131 6.35 11.68 27.79
CA ALA B 131 6.63 10.28 27.48
C ALA B 131 7.46 10.22 26.21
N VAL B 132 8.59 9.52 26.28
CA VAL B 132 9.45 9.41 25.12
C VAL B 132 9.74 7.94 24.77
N ALA B 133 9.43 7.55 23.53
CA ALA B 133 9.74 6.26 22.98
C ALA B 133 11.16 6.26 22.41
N LEU B 134 12.07 5.56 23.08
CA LEU B 134 13.41 5.35 22.55
C LEU B 134 13.60 3.87 22.18
N ASP B 135 13.69 3.62 20.88
CA ASP B 135 13.75 2.27 20.32
C ASP B 135 12.66 1.36 20.89
N ASN B 136 13.04 0.48 21.82
CA ASN B 136 12.12 -0.50 22.32
C ASN B 136 11.65 -0.21 23.74
N SER B 137 11.98 0.95 24.29
CA SER B 137 11.47 1.33 25.61
C SER B 137 10.69 2.64 25.55
N VAL B 138 9.95 2.94 26.62
CA VAL B 138 9.35 4.27 26.84
C VAL B 138 9.86 4.80 28.17
N TYR B 139 10.35 6.04 28.18
CA TYR B 139 10.73 6.73 29.39
C TYR B 139 9.76 7.87 29.75
N LEU B 140 9.50 8.00 31.05
CA LEU B 140 8.75 9.12 31.60
C LEU B 140 9.67 10.11 32.30
N TRP B 141 9.38 11.39 32.10
CA TRP B 141 10.18 12.44 32.68
C TRP B 141 9.26 13.51 33.20
N SER B 142 9.22 13.69 34.52
CA SER B 142 8.44 14.74 35.14
C SER B 142 9.12 16.06 34.94
N ALA B 143 8.38 17.00 34.40
CA ALA B 143 8.94 18.33 34.17
C ALA B 143 9.00 19.13 35.48
N SER B 144 8.12 18.83 36.45
CA SER B 144 8.25 19.29 37.84
C SER B 144 9.53 18.78 38.54
N SER B 145 9.60 17.47 38.76
CA SER B 145 10.65 16.88 39.58
C SER B 145 11.95 16.53 38.85
N GLY B 146 11.88 16.26 37.55
CA GLY B 146 13.05 15.83 36.83
C GLY B 146 13.29 14.35 37.01
N ASP B 147 12.34 13.71 37.71
CA ASP B 147 12.38 12.27 37.91
C ASP B 147 12.25 11.48 36.60
N ILE B 148 13.07 10.45 36.47
CA ILE B 148 13.00 9.58 35.31
C ILE B 148 12.59 8.16 35.65
N LEU B 149 11.67 7.62 34.86
CA LEU B 149 11.24 6.22 35.00
C LEU B 149 11.14 5.52 33.65
N GLN B 150 11.82 4.39 33.52
CA GLN B 150 11.63 3.57 32.34
C GLN B 150 10.40 2.71 32.57
N LEU B 151 9.33 3.08 31.88
CA LEU B 151 8.01 2.54 32.13
C LEU B 151 7.88 1.11 31.67
N LEU B 152 8.52 0.80 30.55
CA LEU B 152 8.30 -0.48 29.88
C LEU B 152 9.40 -0.73 28.89
N GLN B 153 9.60 -2.01 28.54
CA GLN B 153 10.47 -2.36 27.45
C GLN B 153 9.90 -3.52 26.69
N MET B 154 9.88 -3.40 25.37
CA MET B 154 9.37 -4.52 24.56
C MET B 154 10.16 -5.83 24.79
N GLU B 155 9.52 -6.96 24.55
CA GLU B 155 10.05 -8.24 24.96
C GLU B 155 10.57 -9.10 23.81
N GLN B 156 10.07 -8.88 22.60
CA GLN B 156 10.54 -9.68 21.48
C GLN B 156 11.57 -8.97 20.63
N PRO B 157 12.45 -9.76 19.99
CA PRO B 157 13.42 -9.35 18.99
C PRO B 157 12.78 -8.48 17.92
N GLY B 158 13.46 -7.42 17.52
CA GLY B 158 13.00 -6.57 16.44
C GLY B 158 11.89 -5.62 16.82
N GLU B 159 11.25 -5.81 17.96
CA GLU B 159 10.08 -5.00 18.20
C GLU B 159 10.43 -3.64 18.83
N TYR B 160 9.74 -2.60 18.35
CA TYR B 160 9.94 -1.25 18.88
C TYR B 160 8.63 -0.52 19.04
N ILE B 161 8.68 0.54 19.84
CA ILE B 161 7.53 1.37 20.04
C ILE B 161 7.30 2.30 18.84
N SER B 162 6.07 2.43 18.40
CA SER B 162 5.80 3.23 17.22
C SER B 162 4.92 4.48 17.52
N SER B 163 4.29 4.54 18.67
CA SER B 163 3.54 5.73 19.04
C SER B 163 3.22 5.81 20.54
N VAL B 164 3.04 7.02 21.05
CA VAL B 164 2.57 7.17 22.43
C VAL B 164 1.59 8.31 22.50
N ALA B 165 0.62 8.21 23.41
CA ALA B 165 -0.36 9.28 23.63
C ALA B 165 -0.99 9.16 25.01
N TRP B 166 -0.91 10.23 25.76
CA TRP B 166 -1.54 10.28 27.06
C TRP B 166 -3.07 10.44 26.97
N ILE B 167 -3.77 9.80 27.89
CA ILE B 167 -5.19 10.03 28.06
C ILE B 167 -5.34 11.42 28.69
N LYS B 168 -6.50 12.04 28.51
CA LYS B 168 -6.70 13.45 28.91
C LYS B 168 -6.13 13.80 30.27
N GLU B 169 -6.43 12.99 31.30
CA GLU B 169 -6.00 13.26 32.68
C GLU B 169 -4.59 12.78 32.97
N GLY B 170 -3.95 12.15 31.98
CA GLY B 170 -2.53 11.91 32.07
C GLY B 170 -2.15 10.85 33.09
N ASN B 171 -3.12 10.00 33.44
CA ASN B 171 -2.88 8.89 34.38
C ASN B 171 -2.64 7.57 33.66
N TYR B 172 -3.21 7.40 32.47
CA TYR B 172 -2.91 6.25 31.61
C TYR B 172 -2.14 6.68 30.36
N LEU B 173 -1.24 5.81 29.91
CA LEU B 173 -0.52 6.03 28.63
C LEU B 173 -0.91 4.98 27.60
N ALA B 174 -1.22 5.42 26.37
CA ALA B 174 -1.39 4.50 25.25
C ALA B 174 -0.05 4.38 24.48
N VAL B 175 0.30 3.14 24.12
CA VAL B 175 1.58 2.84 23.46
C VAL B 175 1.29 1.93 22.28
N GLY B 176 1.52 2.41 21.07
CA GLY B 176 1.36 1.60 19.88
C GLY B 176 2.70 0.97 19.54
N THR B 177 2.66 -0.26 19.02
CA THR B 177 3.90 -1.02 18.75
C THR B 177 4.07 -1.48 17.31
N SER B 178 5.32 -1.80 16.98
CA SER B 178 5.68 -2.37 15.68
C SER B 178 5.04 -3.75 15.48
N SER B 179 4.62 -4.37 16.58
CA SER B 179 3.93 -5.63 16.42
C SER B 179 2.40 -5.43 16.45
N ALA B 180 1.94 -4.19 16.24
CA ALA B 180 0.53 -3.89 15.94
C ALA B 180 -0.35 -4.00 17.15
N GLU B 181 0.21 -3.76 18.32
CA GLU B 181 -0.60 -3.72 19.52
C GLU B 181 -0.81 -2.28 19.95
N VAL B 182 -1.91 -2.06 20.63
CA VAL B 182 -2.09 -0.83 21.36
C VAL B 182 -2.23 -1.23 22.78
N GLN B 183 -1.20 -0.92 23.53
CA GLN B 183 -1.14 -1.21 24.93
C GLN B 183 -1.65 -0.04 25.71
N LEU B 184 -2.25 -0.33 26.86
CA LEU B 184 -2.72 0.70 27.75
C LEU B 184 -2.05 0.50 29.13
N TRP B 185 -1.28 1.50 29.53
CA TRP B 185 -0.44 1.45 30.72
C TRP B 185 -0.93 2.39 31.83
N ASP B 186 -1.07 1.82 33.03
CA ASP B 186 -1.35 2.61 34.24
C ASP B 186 -0.02 3.10 34.70
N VAL B 187 0.25 4.38 34.51
CA VAL B 187 1.60 4.82 34.68
C VAL B 187 1.99 4.81 36.16
N GLN B 188 1.06 5.17 37.04
CA GLN B 188 1.36 5.21 38.46
C GLN B 188 1.72 3.82 39.04
N GLN B 189 0.79 2.87 38.88
CA GLN B 189 1.00 1.47 39.24
C GLN B 189 2.09 0.78 38.40
N GLN B 190 2.63 1.49 37.41
CA GLN B 190 3.62 0.95 36.47
C GLN B 190 3.27 -0.39 35.78
N LYS B 191 1.97 -0.73 35.70
CA LYS B 191 1.59 -1.98 35.06
C LYS B 191 0.68 -1.78 33.85
N ARG B 192 0.60 -2.80 33.01
CA ARG B 192 -0.20 -2.78 31.81
C ARG B 192 -1.61 -3.33 31.99
N LEU B 193 -2.60 -2.55 31.56
CA LEU B 193 -4.00 -2.91 31.71
C LEU B 193 -4.55 -3.57 30.47
N ARG B 194 -4.08 -3.14 29.31
CA ARG B 194 -4.59 -3.76 28.10
C ARG B 194 -3.49 -3.95 27.13
N ASN B 195 -3.62 -5.01 26.34
CA ASN B 195 -2.85 -5.19 25.16
C ASN B 195 -3.82 -5.45 24.01
N MET B 196 -4.28 -4.37 23.39
CA MET B 196 -5.32 -4.46 22.38
C MET B 196 -4.74 -4.73 21.00
N THR B 197 -5.31 -5.73 20.34
CA THR B 197 -4.87 -6.15 19.05
C THR B 197 -6.05 -6.11 18.14
N SER B 198 -5.79 -5.76 16.89
CA SER B 198 -6.83 -5.60 15.88
C SER B 198 -6.16 -5.21 14.56
N HIS B 199 -5.08 -4.43 14.65
CA HIS B 199 -4.40 -4.01 13.44
C HIS B 199 -3.56 -5.13 12.86
N SER B 200 -3.30 -5.03 11.57
CA SER B 200 -2.45 -5.98 10.90
C SER B 200 -1.03 -5.43 10.64
N ALA B 201 -0.74 -4.23 11.10
CA ALA B 201 0.58 -3.66 10.85
C ALA B 201 0.89 -2.64 11.93
N ARG B 202 2.08 -2.02 11.93
CA ARG B 202 2.48 -1.20 13.08
C ARG B 202 1.53 -0.02 13.32
N VAL B 203 1.37 0.35 14.59
CA VAL B 203 0.49 1.43 14.99
C VAL B 203 1.35 2.68 15.25
N GLY B 204 1.53 3.50 14.22
CA GLY B 204 2.32 4.71 14.30
C GLY B 204 1.59 5.97 14.76
N SER B 205 0.27 5.94 14.89
CA SER B 205 -0.38 7.16 15.40
C SER B 205 -1.57 6.88 16.33
N LEU B 206 -1.79 7.79 17.27
CA LEU B 206 -2.80 7.57 18.28
C LEU B 206 -3.47 8.88 18.59
N SER B 207 -4.77 8.85 18.89
CA SER B 207 -5.46 10.06 19.36
C SER B 207 -6.65 9.71 20.25
N TRP B 208 -6.65 10.29 21.45
CA TRP B 208 -7.73 10.13 22.42
C TRP B 208 -8.91 11.09 22.23
N ASN B 209 -10.09 10.56 22.49
CA ASN B 209 -11.29 11.34 22.54
C ASN B 209 -12.05 10.77 23.71
N SER B 210 -11.71 11.29 24.90
CA SER B 210 -12.22 10.75 26.14
C SER B 210 -11.84 9.25 26.32
N TYR B 211 -12.82 8.34 26.33
CA TYR B 211 -12.54 6.95 26.58
C TYR B 211 -12.36 6.21 25.24
N ILE B 212 -12.54 6.91 24.12
CA ILE B 212 -12.26 6.29 22.84
C ILE B 212 -10.83 6.57 22.44
N LEU B 213 -10.06 5.50 22.21
CA LEU B 213 -8.72 5.63 21.69
C LEU B 213 -8.69 5.30 20.19
N SER B 214 -8.28 6.26 19.39
CA SER B 214 -8.19 6.00 17.96
C SER B 214 -6.76 5.68 17.57
N SER B 215 -6.58 4.68 16.73
CA SER B 215 -5.25 4.26 16.36
C SER B 215 -5.13 4.21 14.85
N GLY B 216 -4.01 4.68 14.32
CA GLY B 216 -3.75 4.51 12.90
C GLY B 216 -2.56 3.60 12.67
N SER B 217 -2.53 3.03 11.47
CA SER B 217 -1.66 1.93 11.17
C SER B 217 -0.98 2.06 9.84
N ARG B 218 0.19 1.44 9.72
CA ARG B 218 0.89 1.35 8.45
C ARG B 218 -0.01 0.71 7.36
N SER B 219 -0.98 -0.07 7.78
CA SER B 219 -1.86 -0.76 6.84
C SER B 219 -2.75 0.24 6.11
N GLY B 220 -3.05 1.37 6.75
CA GLY B 220 -3.91 2.40 6.14
C GLY B 220 -5.21 2.57 6.91
N HIS B 221 -5.52 1.60 7.78
CA HIS B 221 -6.77 1.64 8.53
C HIS B 221 -6.64 2.44 9.81
N ILE B 222 -7.76 3.00 10.23
CA ILE B 222 -7.91 3.58 11.55
C ILE B 222 -8.95 2.76 12.35
N HIS B 223 -8.70 2.55 13.63
CA HIS B 223 -9.60 1.80 14.51
C HIS B 223 -9.96 2.67 15.68
N HIS B 224 -11.23 2.61 16.09
CA HIS B 224 -11.62 3.20 17.38
C HIS B 224 -11.66 2.07 18.41
N HIS B 225 -11.10 2.33 19.58
CA HIS B 225 -11.13 1.39 20.69
C HIS B 225 -11.92 2.05 21.79
N ASP B 226 -12.94 1.34 22.25
CA ASP B 226 -13.56 1.64 23.53
C ASP B 226 -12.73 0.89 24.60
N VAL B 227 -11.80 1.62 25.22
CA VAL B 227 -10.82 0.97 26.08
C VAL B 227 -11.45 0.39 27.36
N ARG B 228 -12.77 0.58 27.51
CA ARG B 228 -13.53 0.14 28.66
C ARG B 228 -14.09 -1.27 28.48
N VAL B 229 -14.40 -1.67 27.26
CA VAL B 229 -15.15 -2.89 27.03
C VAL B 229 -14.28 -4.07 26.50
N ALA B 230 -14.78 -5.29 26.66
CA ALA B 230 -14.01 -6.49 26.33
C ALA B 230 -13.59 -6.49 24.86
N GLU B 231 -14.57 -6.40 23.95
CA GLU B 231 -14.27 -6.18 22.52
C GLU B 231 -14.00 -4.70 22.26
N HIS B 232 -12.75 -4.27 22.43
CA HIS B 232 -12.41 -2.85 22.35
C HIS B 232 -12.67 -2.29 20.97
N HIS B 233 -12.49 -3.13 19.96
CA HIS B 233 -12.52 -2.63 18.60
C HIS B 233 -13.95 -2.37 18.14
N VAL B 234 -14.38 -1.13 18.25
CA VAL B 234 -15.75 -0.78 17.93
C VAL B 234 -15.94 -0.11 16.59
N ALA B 235 -14.88 0.15 15.84
CA ALA B 235 -15.05 0.85 14.57
C ALA B 235 -13.81 0.81 13.69
N THR B 236 -14.03 0.78 12.37
CA THR B 236 -12.97 0.79 11.39
C THR B 236 -13.22 1.86 10.32
N LEU B 237 -12.28 2.80 10.27
CA LEU B 237 -12.30 3.89 9.29
C LEU B 237 -11.22 3.63 8.27
N SER B 238 -11.64 3.51 7.04
CA SER B 238 -10.77 3.10 5.97
C SER B 238 -10.74 4.14 4.86
N GLY B 239 -9.88 5.14 5.04
CA GLY B 239 -9.76 6.26 4.13
C GLY B 239 -8.36 6.43 3.53
N HIS B 240 -7.42 5.51 3.80
CA HIS B 240 -6.06 5.68 3.33
C HIS B 240 -5.58 4.34 2.87
N SER B 241 -4.67 4.28 1.92
CA SER B 241 -4.14 2.99 1.48
C SER B 241 -2.67 2.83 1.83
N GLN B 242 -2.11 3.82 2.53
CA GLN B 242 -0.72 3.75 3.03
C GLN B 242 -0.74 4.20 4.47
N GLU B 243 0.42 4.29 5.11
CA GLU B 243 0.51 4.56 6.55
C GLU B 243 -0.26 5.82 7.03
N VAL B 244 -1.04 5.63 8.08
CA VAL B 244 -1.66 6.74 8.74
C VAL B 244 -0.70 7.26 9.77
N CYS B 245 -0.11 8.39 9.45
CA CYS B 245 0.94 8.92 10.30
C CYS B 245 0.50 10.19 11.02
N GLY B 246 -0.61 10.79 10.62
CA GLY B 246 -1.18 11.91 11.37
C GLY B 246 -2.56 11.55 11.83
N LEU B 247 -2.85 11.73 13.11
CA LEU B 247 -4.16 11.35 13.60
C LEU B 247 -4.53 12.27 14.75
N ARG B 248 -5.61 13.06 14.60
CA ARG B 248 -5.92 14.04 15.64
C ARG B 248 -7.43 14.41 15.74
N TRP B 249 -7.98 14.20 16.95
CA TRP B 249 -9.33 14.59 17.29
C TRP B 249 -9.42 16.08 17.50
N ALA B 250 -10.43 16.70 16.91
CA ALA B 250 -10.65 18.09 17.17
C ALA B 250 -10.91 18.24 18.68
N PRO B 251 -10.42 19.35 19.27
CA PRO B 251 -10.69 19.59 20.70
C PRO B 251 -12.18 19.59 21.08
N ASP B 252 -13.10 19.93 20.19
CA ASP B 252 -14.51 19.79 20.52
C ASP B 252 -15.11 18.44 20.12
N GLY B 253 -14.24 17.51 19.71
CA GLY B 253 -14.63 16.13 19.49
C GLY B 253 -15.63 15.90 18.36
N ARG B 254 -15.79 16.91 17.51
CA ARG B 254 -16.78 16.86 16.42
C ARG B 254 -16.17 16.28 15.15
N HIS B 255 -14.83 16.27 15.08
CA HIS B 255 -14.13 15.76 13.93
C HIS B 255 -12.87 14.97 14.33
N LEU B 256 -12.51 14.01 13.50
CA LEU B 256 -11.21 13.38 13.56
C LEU B 256 -10.44 13.70 12.28
N ALA B 257 -9.21 14.21 12.40
CA ALA B 257 -8.39 14.40 11.20
C ALA B 257 -7.31 13.30 11.09
N SER B 258 -7.02 12.87 9.88
CA SER B 258 -6.04 11.81 9.66
C SER B 258 -5.21 12.19 8.44
N GLY B 259 -3.91 11.94 8.51
CA GLY B 259 -3.02 12.23 7.38
C GLY B 259 -2.19 11.01 7.11
N GLY B 260 -1.90 10.79 5.84
CA GLY B 260 -1.35 9.51 5.43
C GLY B 260 -0.14 9.67 4.51
N ASN B 261 0.61 8.60 4.34
CA ASN B 261 1.71 8.55 3.41
C ASN B 261 1.19 8.48 1.96
N ASP B 262 -0.13 8.30 1.80
CA ASP B 262 -0.73 8.43 0.47
C ASP B 262 -1.06 9.91 0.13
N ASN B 263 -0.61 10.84 0.97
CA ASN B 263 -0.74 12.26 0.68
C ASN B 263 -2.15 12.78 0.85
N LEU B 264 -2.94 12.08 1.64
CA LEU B 264 -4.34 12.44 1.82
C LEU B 264 -4.51 12.97 3.20
N VAL B 265 -5.39 13.93 3.32
CA VAL B 265 -5.92 14.33 4.59
C VAL B 265 -7.40 13.95 4.57
N ASN B 266 -7.85 13.17 5.53
CA ASN B 266 -9.26 12.92 5.66
C ASN B 266 -9.74 13.61 6.87
N VAL B 267 -10.95 14.12 6.78
CA VAL B 267 -11.63 14.64 7.97
C VAL B 267 -12.86 13.77 8.16
N TRP B 268 -12.97 13.18 9.35
CA TRP B 268 -13.96 12.18 9.59
C TRP B 268 -14.95 12.73 10.54
N PRO B 269 -16.20 12.30 10.41
CA PRO B 269 -17.22 12.59 11.42
C PRO B 269 -16.94 11.83 12.70
N SER B 270 -17.62 12.22 13.77
CA SER B 270 -17.48 11.61 15.09
C SER B 270 -18.33 10.36 15.29
N ALA B 271 -19.29 10.13 14.39
CA ALA B 271 -20.15 8.95 14.36
C ALA B 271 -20.47 8.66 12.90
N PRO B 272 -20.74 7.41 12.59
CA PRO B 272 -21.00 7.00 11.20
C PRO B 272 -22.36 7.46 10.71
N GLY B 273 -22.57 7.33 9.40
CA GLY B 273 -23.73 7.89 8.75
C GLY B 273 -24.34 6.97 7.72
N GLU B 274 -24.84 5.82 8.19
CA GLU B 274 -25.67 4.90 7.39
C GLU B 274 -24.93 4.38 6.17
N GLY B 275 -24.38 5.29 5.37
CA GLY B 275 -23.37 4.96 4.37
C GLY B 275 -22.11 4.40 5.03
N GLY B 276 -22.10 4.39 6.36
CA GLY B 276 -21.00 3.82 7.13
C GLY B 276 -20.04 4.90 7.62
N TRP B 277 -18.78 4.51 7.77
CA TRP B 277 -17.73 5.47 8.07
C TRP B 277 -17.13 6.01 6.80
N VAL B 278 -17.41 7.27 6.53
CA VAL B 278 -16.95 7.88 5.31
C VAL B 278 -16.53 9.30 5.64
N PRO B 279 -15.47 9.77 4.97
CA PRO B 279 -14.96 11.10 5.30
C PRO B 279 -15.96 12.19 4.91
N LEU B 280 -16.07 13.19 5.77
CA LEU B 280 -16.72 14.45 5.43
C LEU B 280 -15.86 15.27 4.47
N GLN B 281 -14.54 15.05 4.47
CA GLN B 281 -13.66 15.73 3.53
C GLN B 281 -12.46 14.88 3.20
N THR B 282 -12.02 15.01 1.96
CA THR B 282 -10.77 14.43 1.55
C THR B 282 -9.97 15.44 0.73
N PHE B 283 -8.91 15.96 1.34
CA PHE B 283 -8.05 16.92 0.69
C PHE B 283 -6.86 16.23 0.02
N THR B 284 -6.64 16.56 -1.25
CA THR B 284 -5.56 15.97 -2.02
C THR B 284 -4.48 16.99 -2.37
N GLN B 285 -4.53 18.20 -1.85
CA GLN B 285 -3.56 19.17 -2.32
C GLN B 285 -2.13 18.82 -1.93
N HIS B 286 -1.90 18.14 -0.83
CA HIS B 286 -0.52 17.85 -0.47
C HIS B 286 0.07 16.78 -1.41
N GLN B 287 1.38 16.92 -1.65
CA GLN B 287 2.12 16.11 -2.61
C GLN B 287 3.16 15.24 -1.90
N GLY B 288 2.96 15.05 -0.62
CA GLY B 288 3.75 14.12 0.14
C GLY B 288 3.05 13.80 1.43
N ALA B 289 3.70 13.00 2.27
CA ALA B 289 3.07 12.49 3.46
C ALA B 289 2.50 13.61 4.36
N VAL B 290 1.44 13.32 5.11
CA VAL B 290 0.91 14.30 6.02
C VAL B 290 0.88 13.75 7.43
N LYS B 291 1.97 14.03 8.15
CA LYS B 291 2.14 13.63 9.52
C LYS B 291 1.63 14.77 10.41
N ALA B 292 1.76 15.98 9.90
CA ALA B 292 1.47 17.15 10.71
C ALA B 292 0.01 17.53 10.54
N VAL B 293 -0.70 17.56 11.65
CA VAL B 293 -2.13 17.68 11.69
C VAL B 293 -2.49 18.30 13.04
N ALA B 294 -3.20 19.42 13.03
CA ALA B 294 -3.42 20.12 14.27
C ALA B 294 -4.59 21.08 14.13
N TRP B 295 -5.44 21.03 15.13
CA TRP B 295 -6.68 21.81 15.15
C TRP B 295 -6.49 23.12 15.86
N CYS B 296 -6.91 24.19 15.23
CA CYS B 296 -6.98 25.51 15.88
C CYS B 296 -7.83 25.48 17.13
N PRO B 297 -7.21 25.80 18.27
CA PRO B 297 -8.02 25.73 19.49
C PRO B 297 -9.00 26.90 19.71
N TRP B 298 -8.98 27.96 18.90
CA TRP B 298 -9.95 29.07 19.06
C TRP B 298 -10.86 29.25 17.81
N GLN B 299 -10.93 28.22 16.96
CA GLN B 299 -11.76 28.23 15.75
C GLN B 299 -12.15 26.82 15.45
N SER B 300 -13.39 26.45 15.78
CA SER B 300 -13.82 25.05 15.83
C SER B 300 -13.51 24.22 14.54
N ASN B 301 -13.66 24.85 13.38
CA ASN B 301 -13.53 24.12 12.13
C ASN B 301 -12.25 24.33 11.35
N VAL B 302 -11.25 24.95 11.98
CA VAL B 302 -10.02 25.25 11.30
C VAL B 302 -8.94 24.18 11.57
N LEU B 303 -8.33 23.67 10.50
CA LEU B 303 -7.32 22.65 10.63
C LEU B 303 -6.03 23.06 9.96
N ALA B 304 -4.89 22.78 10.60
CA ALA B 304 -3.62 22.92 9.91
C ALA B 304 -3.01 21.56 9.62
N THR B 305 -2.40 21.43 8.44
CA THR B 305 -1.68 20.21 8.08
C THR B 305 -0.37 20.53 7.37
N GLY B 306 0.62 19.63 7.48
CA GLY B 306 1.90 19.81 6.81
C GLY B 306 2.39 18.64 5.96
N GLY B 307 3.03 18.96 4.82
CA GLY B 307 3.53 17.95 3.90
C GLY B 307 4.97 17.51 4.14
N GLY B 308 5.34 16.34 3.58
CA GLY B 308 6.70 15.80 3.62
C GLY B 308 7.67 16.37 2.58
N THR B 309 8.79 15.68 2.33
CA THR B 309 9.87 16.29 1.50
C THR B 309 9.41 16.68 0.10
N SER B 310 8.40 16.02 -0.44
CA SER B 310 7.94 16.42 -1.77
C SER B 310 6.82 17.48 -1.75
N ASP B 311 6.41 17.91 -0.57
CA ASP B 311 5.33 18.88 -0.52
C ASP B 311 5.84 20.17 0.09
N ARG B 312 6.28 20.11 1.34
CA ARG B 312 6.88 21.24 2.02
C ARG B 312 5.92 22.37 2.41
N HIS B 313 4.62 22.13 2.31
CA HIS B 313 3.68 23.21 2.57
C HIS B 313 2.92 22.98 3.86
N ILE B 314 2.63 24.10 4.51
CA ILE B 314 1.64 24.17 5.55
C ILE B 314 0.37 24.65 4.93
N ARG B 315 -0.73 24.09 5.38
CA ARG B 315 -2.02 24.40 4.80
C ARG B 315 -3.06 24.54 5.90
N ILE B 316 -3.88 25.57 5.80
CA ILE B 316 -4.96 25.80 6.76
C ILE B 316 -6.27 25.50 6.05
N TRP B 317 -7.18 24.81 6.73
CA TRP B 317 -8.43 24.41 6.09
C TRP B 317 -9.56 24.86 6.96
N ASN B 318 -10.70 25.09 6.32
CA ASN B 318 -11.98 25.08 7.03
C ASN B 318 -12.64 23.76 6.68
N VAL B 319 -12.90 22.93 7.67
CA VAL B 319 -13.32 21.56 7.37
C VAL B 319 -14.81 21.41 7.08
N CYS B 320 -15.60 22.46 7.33
CA CYS B 320 -16.99 22.51 6.83
C CYS B 320 -17.08 22.94 5.36
N SER B 321 -16.66 24.15 5.02
CA SER B 321 -16.66 24.57 3.62
C SER B 321 -15.87 23.58 2.76
N GLY B 322 -14.70 23.19 3.27
CA GLY B 322 -13.76 22.36 2.50
C GLY B 322 -12.68 23.20 1.80
N ALA B 323 -12.64 24.48 2.13
CA ALA B 323 -11.69 25.39 1.55
C ALA B 323 -10.29 25.33 2.17
N CYS B 324 -9.29 25.45 1.31
CA CYS B 324 -7.96 25.81 1.74
C CYS B 324 -7.86 27.32 1.91
N LEU B 325 -7.72 27.75 3.15
CA LEU B 325 -7.75 29.14 3.51
C LEU B 325 -6.39 29.76 3.32
N SER B 326 -5.38 28.92 3.18
CA SER B 326 -4.01 29.40 3.14
C SER B 326 -3.02 28.25 2.89
N ALA B 327 -1.99 28.52 2.13
CA ALA B 327 -0.92 27.58 1.92
C ALA B 327 0.37 28.33 1.97
N VAL B 328 1.34 27.82 2.73
CA VAL B 328 2.63 28.45 2.86
C VAL B 328 3.75 27.49 2.55
N ASP B 329 4.70 27.93 1.72
CA ASP B 329 5.89 27.14 1.48
C ASP B 329 6.85 27.24 2.68
N ALA B 330 7.15 26.10 3.31
CA ALA B 330 8.00 26.06 4.50
C ALA B 330 9.43 25.59 4.16
N HIS B 331 9.62 25.24 2.89
CA HIS B 331 10.94 24.99 2.33
C HIS B 331 11.56 23.72 2.88
N SER B 332 10.71 22.87 3.47
CA SER B 332 11.23 21.69 4.13
C SER B 332 10.13 20.70 4.46
N GLN B 333 10.48 19.44 4.68
CA GLN B 333 9.49 18.50 5.16
C GLN B 333 8.98 19.02 6.51
N VAL B 334 7.66 19.01 6.67
CA VAL B 334 6.99 19.48 7.87
C VAL B 334 6.54 18.29 8.69
N CYS B 335 7.22 18.05 9.80
CA CYS B 335 6.93 16.87 10.57
C CYS B 335 5.79 17.08 11.58
N SER B 336 5.52 18.33 11.94
CA SER B 336 4.71 18.54 13.11
C SER B 336 4.28 20.01 13.21
N ILE B 337 3.01 20.23 13.55
CA ILE B 337 2.50 21.59 13.80
C ILE B 337 1.82 21.67 15.17
N LEU B 338 1.97 22.79 15.88
CA LEU B 338 1.13 23.07 17.06
C LEU B 338 0.57 24.49 17.00
N TRP B 339 -0.62 24.67 17.58
CA TRP B 339 -1.21 25.98 17.73
C TRP B 339 -1.00 26.49 19.15
N SER B 340 -0.70 27.78 19.27
CA SER B 340 -0.60 28.43 20.56
C SER B 340 -1.57 29.62 20.64
N PRO B 341 -2.55 29.52 21.54
CA PRO B 341 -3.51 30.57 21.91
C PRO B 341 -2.78 31.82 22.34
N HIS B 342 -1.84 31.63 23.27
CA HIS B 342 -1.14 32.74 23.89
C HIS B 342 -0.93 33.98 23.01
N TYR B 343 -0.48 33.78 21.77
CA TYR B 343 -0.24 34.93 20.90
C TYR B 343 -0.79 34.65 19.51
N LYS B 344 -1.74 33.72 19.44
CA LYS B 344 -2.30 33.22 18.17
C LYS B 344 -1.21 32.91 17.15
N GLU B 345 -0.48 31.85 17.44
CA GLU B 345 0.62 31.48 16.59
C GLU B 345 0.55 30.03 16.25
N LEU B 346 1.23 29.67 15.16
CA LEU B 346 1.45 28.30 14.81
C LEU B 346 2.91 28.07 14.99
N ILE B 347 3.26 26.82 15.30
CA ILE B 347 4.66 26.42 15.26
C ILE B 347 4.84 25.10 14.51
N SER B 348 5.76 25.09 13.56
CA SER B 348 6.06 23.89 12.79
C SER B 348 7.49 23.37 13.08
N GLY B 349 7.68 22.06 12.93
CA GLY B 349 9.00 21.49 13.00
C GLY B 349 9.43 21.05 11.63
N HIS B 350 10.73 21.06 11.37
CA HIS B 350 11.23 20.79 10.01
C HIS B 350 12.46 19.92 10.01
N GLY B 351 12.77 19.37 8.84
CA GLY B 351 14.02 18.66 8.63
C GLY B 351 15.03 19.42 7.77
N PHE B 352 15.52 18.75 6.75
CA PHE B 352 16.56 19.32 5.90
C PHE B 352 16.08 20.66 5.32
N ALA B 353 16.90 21.70 5.31
CA ALA B 353 18.31 21.65 5.72
C ALA B 353 18.56 22.26 7.10
N GLN B 354 17.72 23.17 7.51
CA GLN B 354 18.00 23.90 8.74
C GLN B 354 17.48 23.24 10.02
N ASN B 355 16.68 22.17 9.89
CA ASN B 355 16.22 21.41 11.07
C ASN B 355 15.60 22.30 12.15
N GLN B 356 14.80 23.28 11.71
CA GLN B 356 14.38 24.37 12.58
C GLN B 356 12.93 24.24 13.03
N LEU B 357 12.56 25.01 14.05
CA LEU B 357 11.18 25.32 14.37
C LEU B 357 10.84 26.68 13.83
N VAL B 358 9.66 26.81 13.26
CA VAL B 358 9.23 28.08 12.76
C VAL B 358 7.94 28.48 13.44
N ILE B 359 7.93 29.71 13.95
CA ILE B 359 6.74 30.27 14.59
C ILE B 359 6.10 31.21 13.61
N TRP B 360 4.81 31.01 13.37
CA TRP B 360 4.06 31.82 12.40
C TRP B 360 2.94 32.56 13.12
N LYS B 361 2.71 33.80 12.69
CA LYS B 361 1.61 34.59 13.17
C LYS B 361 0.34 34.16 12.43
N TYR B 362 -0.71 33.90 13.19
CA TYR B 362 -2.00 33.58 12.58
C TYR B 362 -2.95 34.78 12.67
N PRO B 363 -3.68 35.08 11.59
CA PRO B 363 -3.88 34.32 10.35
C PRO B 363 -3.11 34.84 9.16
N THR B 364 -2.13 35.69 9.40
CA THR B 364 -1.34 36.28 8.32
C THR B 364 -0.33 35.31 7.76
N MET B 365 0.08 34.35 8.60
CA MET B 365 1.15 33.39 8.31
C MET B 365 2.48 34.08 8.03
N ALA B 366 2.70 35.21 8.72
CA ALA B 366 4.02 35.82 8.71
C ALA B 366 4.89 34.99 9.61
N LYS B 367 6.14 34.83 9.18
CA LYS B 367 7.20 34.20 9.96
C LYS B 367 7.64 35.17 11.06
N VAL B 368 7.35 34.80 12.32
CA VAL B 368 7.82 35.49 13.51
C VAL B 368 9.27 35.12 13.91
N ALA B 369 9.56 33.82 13.99
CA ALA B 369 10.84 33.38 14.50
C ALA B 369 11.25 32.03 13.95
N GLU B 370 12.56 31.81 13.84
CA GLU B 370 13.14 30.50 13.54
C GLU B 370 13.97 30.01 14.73
N LEU B 371 13.80 28.75 15.11
CA LEU B 371 14.51 28.23 16.28
C LEU B 371 15.49 27.17 15.83
N LYS B 372 16.77 27.52 15.87
CA LYS B 372 17.82 26.59 15.45
C LYS B 372 18.54 25.98 16.65
N GLY B 373 19.14 24.82 16.44
CA GLY B 373 19.72 24.05 17.53
C GLY B 373 19.94 22.63 17.09
N HIS B 374 18.88 21.97 16.65
CA HIS B 374 18.96 20.60 16.20
C HIS B 374 19.89 20.46 15.00
N THR B 375 20.60 19.34 14.96
CA THR B 375 21.60 19.06 13.94
C THR B 375 21.15 17.93 13.02
N SER B 376 20.02 17.31 13.39
CA SER B 376 19.31 16.45 12.47
C SER B 376 17.84 16.84 12.47
N ARG B 377 17.11 16.25 11.53
CA ARG B 377 15.70 16.60 11.34
C ARG B 377 14.84 16.39 12.59
N VAL B 378 13.94 17.34 12.77
CA VAL B 378 12.96 17.28 13.85
C VAL B 378 11.98 16.19 13.49
N LEU B 379 11.50 15.49 14.49
CA LEU B 379 10.61 14.36 14.25
C LEU B 379 9.24 14.62 14.80
N SER B 380 9.19 15.30 15.94
CA SER B 380 7.93 15.60 16.57
C SER B 380 8.01 16.79 17.55
N LEU B 381 6.86 17.39 17.81
CA LEU B 381 6.74 18.52 18.74
C LEU B 381 5.60 18.22 19.66
N THR B 382 5.71 18.63 20.91
CA THR B 382 4.61 18.46 21.82
C THR B 382 4.70 19.67 22.77
N MET B 383 3.56 20.07 23.33
CA MET B 383 3.48 21.27 24.13
C MET B 383 3.18 21.01 25.63
N SER B 384 3.82 21.78 26.50
CA SER B 384 3.58 21.63 27.94
C SER B 384 2.16 21.99 28.28
N PRO B 385 1.67 21.52 29.45
CA PRO B 385 0.28 21.76 29.85
C PRO B 385 -0.02 23.22 30.09
N ASP B 386 0.99 24.03 30.40
CA ASP B 386 0.76 25.48 30.60
C ASP B 386 0.82 26.28 29.29
N GLY B 387 1.32 25.64 28.23
CA GLY B 387 1.36 26.25 26.90
C GLY B 387 2.61 27.08 26.65
N ALA B 388 3.46 27.21 27.65
CA ALA B 388 4.65 28.04 27.54
C ALA B 388 5.75 27.35 26.72
N THR B 389 5.81 26.03 26.85
CA THR B 389 6.98 25.28 26.41
C THR B 389 6.68 24.19 25.39
N VAL B 390 7.44 24.21 24.30
CA VAL B 390 7.33 23.23 23.24
C VAL B 390 8.55 22.32 23.32
N ALA B 391 8.31 21.01 23.40
CA ALA B 391 9.38 20.03 23.35
C ALA B 391 9.54 19.57 21.91
N SER B 392 10.79 19.58 21.43
CA SER B 392 11.11 19.06 20.11
C SER B 392 12.10 17.88 20.16
N ALA B 393 11.68 16.79 19.57
CA ALA B 393 12.45 15.55 19.55
C ALA B 393 13.02 15.50 18.18
N ALA B 394 14.32 15.26 18.05
CA ALA B 394 14.89 15.16 16.71
C ALA B 394 15.82 13.97 16.59
N ALA B 395 16.21 13.69 15.36
CA ALA B 395 17.06 12.57 15.04
C ALA B 395 18.47 12.67 15.61
N ASP B 396 18.88 13.85 16.07
CA ASP B 396 20.19 14.03 16.73
C ASP B 396 20.11 13.58 18.18
N GLU B 397 19.04 12.89 18.52
CA GLU B 397 18.98 12.19 19.80
C GLU B 397 18.90 13.15 20.98
N THR B 398 18.18 14.24 20.75
CA THR B 398 17.98 15.25 21.77
C THR B 398 16.55 15.69 21.74
N LEU B 399 16.07 16.02 22.91
CA LEU B 399 14.77 16.63 23.07
C LEU B 399 15.06 18.07 23.56
N ARG B 400 14.82 19.04 22.70
CA ARG B 400 14.97 20.42 23.11
C ARG B 400 13.63 21.02 23.57
N LEU B 401 13.69 21.71 24.69
CA LEU B 401 12.54 22.32 25.31
C LEU B 401 12.61 23.84 25.14
N TRP B 402 11.73 24.41 24.32
CA TRP B 402 11.79 25.85 24.08
C TRP B 402 10.68 26.61 24.76
N ARG B 403 11.05 27.49 25.68
CA ARG B 403 10.10 28.36 26.33
C ARG B 403 9.87 29.54 25.39
N CYS B 404 8.97 29.35 24.45
CA CYS B 404 8.82 30.28 23.32
C CYS B 404 7.44 30.94 23.29
N PHE B 405 6.60 30.56 24.25
CA PHE B 405 5.24 31.03 24.31
C PHE B 405 4.89 31.48 25.71
N GLU B 406 5.91 31.89 26.46
CA GLU B 406 5.74 32.38 27.83
C GLU B 406 4.85 33.62 27.86
N LEU B 407 3.97 33.69 28.85
CA LEU B 407 2.98 34.75 28.93
C LEU B 407 3.41 36.00 29.72
N ASP B 408 2.70 37.11 29.47
CA ASP B 408 2.51 38.21 30.45
C ASP B 408 2.07 39.50 29.75
N LEU C 5 0.74 -16.06 2.67
CA LEU C 5 -0.72 -16.14 2.75
C LEU C 5 -1.34 -16.98 1.61
N SER C 6 -2.44 -17.66 1.95
CA SER C 6 -3.31 -18.30 0.96
C SER C 6 -4.65 -17.57 0.97
N LYS C 7 -4.65 -16.36 1.48
CA LYS C 7 -5.80 -15.44 1.48
C LYS C 7 -6.84 -15.62 0.35
N GLU C 8 -6.39 -15.81 -0.90
CA GLU C 8 -7.28 -15.89 -2.07
C GLU C 8 -7.61 -17.33 -2.42
N ASN C 9 -7.18 -18.25 -1.58
CA ASN C 9 -7.50 -19.66 -1.74
C ASN C 9 -8.37 -20.12 -0.59
N VAL C 10 -8.65 -19.22 0.35
CA VAL C 10 -9.51 -19.54 1.49
C VAL C 10 -10.98 -19.41 1.06
N GLN C 11 -11.72 -20.49 1.30
CA GLN C 11 -13.18 -20.57 1.11
C GLN C 11 -13.86 -19.20 0.93
N GLU D 4 9.62 -1.52 -0.30
CA GLU D 4 8.95 -0.55 0.58
C GLU D 4 8.62 0.80 -0.10
N LEU D 5 7.73 1.52 0.58
CA LEU D 5 7.27 2.87 0.25
C LEU D 5 7.39 3.68 1.56
N SER D 6 8.58 4.23 1.73
CA SER D 6 9.02 4.87 2.95
C SER D 6 9.71 6.15 2.49
N LYS D 7 9.07 6.84 1.55
CA LYS D 7 9.66 8.00 0.89
C LYS D 7 10.10 9.11 1.82
N GLU D 8 9.47 9.25 2.98
CA GLU D 8 9.86 10.30 3.90
C GLU D 8 11.14 9.97 4.65
N ASN D 9 11.66 8.77 4.41
CA ASN D 9 12.81 8.28 5.14
C ASN D 9 13.98 8.05 4.22
N VAL D 10 13.85 8.43 2.95
CA VAL D 10 14.93 8.15 2.02
C VAL D 10 15.84 9.36 1.94
N GLN D 11 17.12 9.09 2.23
CA GLN D 11 18.28 9.97 1.90
C GLN D 11 17.94 11.33 1.29
#